data_8CDQ
#
_entry.id   8CDQ
#
_cell.length_a   114.416
_cell.length_b   170.919
_cell.length_c   90.399
_cell.angle_alpha   90.00
_cell.angle_beta   90.00
_cell.angle_gamma   90.00
#
_symmetry.space_group_name_H-M   'P 21 21 21'
#
loop_
_entity.id
_entity.type
_entity.pdbx_description
1 polymer Myosin-A
2 polymer 'Myosin A tail domain interacting protein'
3 polymer 'Myosin essential light chain ELC'
4 non-polymer GLYCEROL
5 non-polymer 'SULFATE ION'
6 non-polymer 1,2-ETHANEDIOL
7 non-polymer 'TETRAETHYLENE GLYCOL'
8 non-polymer 'PHOSPHOTHIOPHOSPHORIC ACID-ADENYLATE ESTER'
9 non-polymer 'MAGNESIUM ION'
10 non-polymer 1-(4-methoxyphenyl)-~{N}-[(3-thiophen-2-yl-1~{H}-pyrazol-4-yl)methyl]cyclopropan-1-amine
11 water water
#
loop_
_entity_poly.entity_id
_entity_poly.type
_entity_poly.pdbx_seq_one_letter_code
_entity_poly.pdbx_strand_id
1 'polypeptide(L)'
;MAVTNEEIKTASKIVRRV(SEP)NVEAFDKSGSVFKGYQIWTDISPTIENDPNIMFVKCVVQQGSKKEKLTVVQIDPPGT
GTPYDIDPTHAWNCNSQVDPMSFGDIGLLNHTNIPCVLDFLKHRYLKNQIYTTAVPLIVAINPYKDLGNTTNEWIRRYRD
TADHTKLPPHVFTCAREALSNLHGVNKSQTIIVSGESGAGKTEATKQIMRYFASSKSGNMDLRIQTAIMAANPVLEAFGN
AKTIRNNNSSRFGRFMQLVISHEGGIRYGSVVAFLLEKSRIITQDDNERSYHIFYQFLKGANSTMKSKFGLKGVTEYKLL
NPNSTEVSGVDDVKDFEEVIESLKNMELSESDIEVIFSIVAGILTLGNVRLIEKQEAGLSDAAAIMDEDMGVFNKACELM
YLDPELIKREILIKVTVAGGTKIEGRWNKNDAEVLKSSLCKAMYEKLFLWIIRHLNSRIEPEGGFKTFMGMLDIFGFEVF
KNNSLEQLFINITNEMLQKNFVDIVFERESKLYKDEGISTAELKYTSNKEVINVLCEKGKSVLSYLEDQCLAPGGTDEKF
VSSCATNLKENNKFTPAKVASNKNFIIQHTIGPIQYCAESFLLKNKDVLRGDLVEVIKDSPNPIVQQLFEGQVIEKGKIA
KGSLIGSQFLNQLTSLMNLINSTEPHFIRCIKPNENKKPLEWCEPKILIQLHALSILEALVLRQLGYSYRRTFEEFLYQY
KFVDIAAAEDSSVENQNKCVNILKLSGLSESMYKIGKSMVFLKQEGAKILTKIQREKLVEWENCVSVIEAAILKHKYKQK
VNKNIPSLLRVQAHIRKKMVAQ
;
A
2 'polypeptide(L)'
;MKQECNVCYFNLPDPESTLGPYDNELNYFTWGPGFEYEPEPQRKPLSIEESFENSEESEESVADIQQLEEKVDESDVRIY
FNEKSSGGKISIDNASYNARKLGLAPSSIDEKKIKELYGDNLTYEQYLEYLSICVHDKDNVEELIKMFAHFDNNCTGYLT
KSQMKNILTTWGDALTDQEAIDALNAFSSEDNIDYKLFCEDILQ
;
B
3 'polypeptide(L)'
;MASDMEEKFREAFILFSSCSDHIEMYKFFELMNSFGIILTNDEKAALPNDINMDYWLNFAKKHYNYEQPFKHINNVNEQN
TNVQIKIDNFLGIMKALDTRLTESDLNILLQITNPENKSTLNLKTVSQKLTESI
;
C
#
# COMPACT_ATOMS: atom_id res chain seq x y z
N ALA A 2 12.58 -2.01 15.53
CA ALA A 2 11.69 -1.06 14.89
C ALA A 2 10.37 -0.88 15.69
N VAL A 3 9.78 -1.97 16.18
CA VAL A 3 8.50 -1.89 16.91
C VAL A 3 8.74 -1.47 18.35
N THR A 4 8.22 -0.30 18.71
CA THR A 4 8.36 0.25 20.06
C THR A 4 7.23 -0.27 20.96
N ASN A 5 7.38 -0.01 22.26
CA ASN A 5 6.32 -0.37 23.20
C ASN A 5 5.15 0.59 23.11
N GLU A 6 5.41 1.85 22.76
CA GLU A 6 4.31 2.78 22.51
C GLU A 6 3.45 2.31 21.33
N GLU A 7 4.09 1.76 20.29
CA GLU A 7 3.30 1.23 19.18
C GLU A 7 2.39 0.10 19.65
N ILE A 8 2.90 -0.79 20.50
CA ILE A 8 2.09 -1.90 21.01
C ILE A 8 0.94 -1.39 21.87
N LYS A 9 1.18 -0.31 22.63
CA LYS A 9 0.12 0.22 23.50
C LYS A 9 -1.05 0.74 22.67
N THR A 10 -0.78 1.56 21.64
CA THR A 10 -1.89 2.13 20.87
C THR A 10 -2.52 1.11 19.93
N ALA A 11 -1.74 0.12 19.45
CA ALA A 11 -2.29 -0.90 18.56
C ALA A 11 -3.26 -1.82 19.28
N SER A 12 -2.98 -2.17 20.55
CA SER A 12 -3.92 -2.96 21.31
C SER A 12 -5.17 -2.16 21.67
N LYS A 13 -5.05 -0.83 21.74
CA LYS A 13 -6.23 0.03 21.96
C LYS A 13 -7.19 -0.04 20.78
N ILE A 14 -6.66 -0.06 19.55
CA ILE A 14 -7.53 -0.17 18.37
C ILE A 14 -8.20 -1.53 18.26
N VAL A 15 -7.59 -2.59 18.80
CA VAL A 15 -8.16 -3.93 18.70
C VAL A 15 -9.48 -3.98 19.45
N ARG A 16 -10.51 -4.52 18.78
CA ARG A 16 -11.81 -4.76 19.39
C ARG A 16 -12.32 -6.10 18.88
N ARG A 17 -13.18 -6.74 19.69
CA ARG A 17 -13.86 -7.96 19.28
C ARG A 17 -15.36 -7.68 19.27
N VAL A 18 -16.00 -7.87 18.12
CA VAL A 18 -17.41 -7.52 17.94
C VAL A 18 -18.34 -8.74 17.75
N ASN A 20 -19.69 -12.67 17.33
CA ASN A 20 -19.42 -13.91 18.04
C ASN A 20 -18.96 -15.00 17.11
N VAL A 21 -18.21 -15.94 17.67
CA VAL A 21 -17.67 -17.05 16.92
C VAL A 21 -18.60 -18.23 17.11
N GLU A 22 -19.00 -18.86 16.01
CA GLU A 22 -19.95 -19.96 16.04
C GLU A 22 -19.19 -21.26 15.79
N ALA A 23 -18.46 -21.72 16.80
CA ALA A 23 -17.62 -22.90 16.67
C ALA A 23 -18.34 -24.20 16.98
N PHE A 24 -19.59 -24.14 17.45
CA PHE A 24 -20.32 -25.34 17.86
C PHE A 24 -21.57 -25.55 17.01
N ASP A 25 -21.86 -26.81 16.72
CA ASP A 25 -23.10 -27.14 16.01
C ASP A 25 -24.25 -27.21 17.02
N LYS A 26 -25.47 -27.39 16.49
CA LYS A 26 -26.67 -27.37 17.33
C LYS A 26 -26.54 -28.35 18.48
N SER A 27 -25.99 -29.54 18.20
CA SER A 27 -25.78 -30.57 19.21
C SER A 27 -24.70 -30.22 20.23
N GLY A 28 -24.02 -29.08 20.11
CA GLY A 28 -23.03 -28.69 21.10
C GLY A 28 -21.59 -29.11 20.83
N SER A 29 -21.33 -29.81 19.72
CA SER A 29 -20.00 -30.26 19.36
C SER A 29 -19.29 -29.25 18.46
N VAL A 30 -17.96 -29.21 18.57
CA VAL A 30 -17.19 -28.30 17.74
C VAL A 30 -17.21 -28.78 16.30
N PHE A 31 -17.45 -27.86 15.37
CA PHE A 31 -17.30 -28.19 13.95
C PHE A 31 -15.89 -28.69 13.70
N LYS A 32 -15.77 -29.89 13.15
CA LYS A 32 -14.46 -30.50 12.94
C LYS A 32 -13.55 -29.57 12.15
N GLY A 33 -12.43 -29.18 12.75
CA GLY A 33 -11.44 -28.34 12.10
C GLY A 33 -11.70 -26.86 12.13
N TYR A 34 -12.69 -26.39 12.90
CA TYR A 34 -13.07 -24.99 12.89
C TYR A 34 -11.87 -24.09 13.21
N GLN A 35 -11.58 -23.13 12.32
CA GLN A 35 -10.46 -22.21 12.47
C GLN A 35 -10.91 -20.84 12.99
N ILE A 36 -10.06 -20.21 13.82
CA ILE A 36 -10.30 -18.88 14.37
C ILE A 36 -8.98 -18.10 14.34
N TRP A 37 -9.06 -16.78 14.57
CA TRP A 37 -7.87 -15.96 14.83
C TRP A 37 -7.81 -15.66 16.31
N THR A 38 -6.61 -15.59 16.87
CA THR A 38 -6.47 -15.18 18.25
C THR A 38 -5.22 -14.35 18.42
N ASP A 39 -5.21 -13.54 19.47
CA ASP A 39 -4.09 -12.67 19.82
C ASP A 39 -3.28 -13.24 20.98
N ILE A 40 -3.54 -14.48 21.34
CA ILE A 40 -2.82 -15.14 22.42
C ILE A 40 -1.97 -16.25 21.80
N SER A 41 -0.66 -16.08 21.83
CA SER A 41 0.26 -17.10 21.34
C SER A 41 1.69 -16.74 21.70
N PRO A 42 2.56 -17.73 21.93
CA PRO A 42 3.97 -17.39 22.15
C PRO A 42 4.59 -16.81 20.90
N THR A 43 4.07 -17.16 19.72
CA THR A 43 4.52 -16.52 18.49
C THR A 43 4.38 -15.01 18.59
N ILE A 44 3.31 -14.56 19.23
CA ILE A 44 3.04 -13.14 19.31
C ILE A 44 3.92 -12.49 20.35
N GLU A 45 4.17 -13.20 21.46
CA GLU A 45 5.02 -12.65 22.50
C GLU A 45 6.43 -12.47 21.99
N ASN A 46 6.89 -13.38 21.13
CA ASN A 46 8.27 -13.43 20.69
C ASN A 46 8.54 -12.62 19.42
N ASP A 47 7.53 -12.30 18.61
CA ASP A 47 7.74 -11.58 17.37
C ASP A 47 6.79 -10.40 17.24
N PRO A 48 7.28 -9.18 17.47
CA PRO A 48 6.38 -8.01 17.45
C PRO A 48 5.85 -7.65 16.08
N ASN A 49 6.27 -8.32 15.00
CA ASN A 49 5.64 -8.10 13.71
C ASN A 49 4.32 -8.83 13.57
N ILE A 50 3.98 -9.70 14.52
CA ILE A 50 2.80 -10.55 14.42
C ILE A 50 1.87 -10.20 15.56
N MET A 51 0.60 -9.96 15.24
CA MET A 51 -0.40 -9.57 16.22
C MET A 51 -1.48 -10.61 16.43
N PHE A 52 -1.74 -11.48 15.45
CA PHE A 52 -2.74 -12.53 15.51
C PHE A 52 -2.18 -13.80 14.89
N VAL A 53 -2.64 -14.95 15.37
CA VAL A 53 -2.28 -16.20 14.73
C VAL A 53 -3.56 -17.01 14.52
N LYS A 54 -3.47 -17.99 13.63
CA LYS A 54 -4.62 -18.82 13.27
C LYS A 54 -4.54 -20.14 14.02
N CYS A 55 -5.67 -20.52 14.64
CA CYS A 55 -5.78 -21.74 15.45
C CYS A 55 -7.00 -22.53 14.99
N VAL A 56 -7.06 -23.80 15.39
CA VAL A 56 -8.29 -24.57 15.17
C VAL A 56 -8.80 -25.04 16.52
N VAL A 57 -10.10 -24.85 16.74
CA VAL A 57 -10.74 -25.22 18.00
C VAL A 57 -10.78 -26.74 18.10
N GLN A 58 -10.40 -27.25 19.26
CA GLN A 58 -10.27 -28.69 19.45
C GLN A 58 -11.58 -29.32 19.89
N GLN A 59 -11.87 -30.52 19.40
CA GLN A 59 -13.04 -31.25 19.89
C GLN A 59 -13.02 -31.25 21.41
N GLY A 60 -14.19 -31.10 22.01
CA GLY A 60 -14.28 -31.05 23.46
C GLY A 60 -14.24 -29.67 24.08
N SER A 61 -13.99 -28.63 23.28
CA SER A 61 -14.01 -27.29 23.85
C SER A 61 -15.33 -27.04 24.54
N LYS A 62 -15.27 -26.46 25.74
CA LYS A 62 -16.49 -25.88 26.27
C LYS A 62 -16.68 -24.51 25.61
N LYS A 63 -17.85 -23.91 25.82
CA LYS A 63 -18.23 -22.71 25.11
C LYS A 63 -17.70 -21.43 25.76
N GLU A 64 -17.41 -21.46 27.07
CA GLU A 64 -16.92 -20.28 27.79
C GLU A 64 -15.40 -20.22 27.88
N LYS A 65 -14.71 -21.29 27.52
CA LYS A 65 -13.26 -21.26 27.36
C LYS A 65 -12.93 -22.21 26.22
N LEU A 66 -12.39 -21.67 25.12
CA LEU A 66 -12.03 -22.52 23.99
C LEU A 66 -10.63 -23.08 24.19
N THR A 67 -10.47 -24.36 23.89
CA THR A 67 -9.17 -24.99 23.75
C THR A 67 -8.80 -25.01 22.28
N VAL A 68 -7.70 -24.37 21.93
CA VAL A 68 -7.26 -24.25 20.55
C VAL A 68 -5.83 -24.79 20.40
N VAL A 69 -5.45 -25.02 19.14
CA VAL A 69 -4.10 -25.40 18.76
C VAL A 69 -3.70 -24.52 17.58
N GLN A 70 -2.54 -23.88 17.68
CA GLN A 70 -2.11 -22.96 16.64
C GLN A 70 -1.63 -23.74 15.43
N ILE A 71 -2.04 -23.27 14.24
CA ILE A 71 -1.61 -23.90 12.99
C ILE A 71 -0.94 -22.93 12.03
N ASP A 72 -1.10 -21.62 12.16
CA ASP A 72 -0.42 -20.72 11.23
C ASP A 72 -0.06 -19.43 11.95
N PRO A 73 1.24 -19.10 12.10
CA PRO A 73 2.47 -19.79 11.68
C PRO A 73 2.62 -21.14 12.35
N PRO A 74 3.45 -22.02 11.79
CA PRO A 74 3.59 -23.37 12.37
C PRO A 74 3.99 -23.31 13.83
N GLY A 75 3.45 -24.25 14.61
CA GLY A 75 3.60 -24.25 16.05
C GLY A 75 4.01 -25.62 16.60
N THR A 76 3.58 -25.87 17.82
CA THR A 76 3.99 -27.02 18.60
C THR A 76 2.97 -28.14 18.61
N GLY A 77 1.74 -27.85 18.19
CA GLY A 77 0.64 -28.77 18.41
C GLY A 77 0.09 -28.74 19.81
N THR A 78 0.53 -27.80 20.66
CA THR A 78 0.12 -27.77 22.06
C THR A 78 -1.27 -27.18 22.19
N PRO A 79 -2.20 -27.84 22.86
CA PRO A 79 -3.50 -27.21 23.15
C PRO A 79 -3.32 -26.11 24.18
N TYR A 80 -4.07 -25.03 24.04
CA TYR A 80 -4.15 -24.07 25.15
C TYR A 80 -5.52 -23.42 25.16
N ASP A 81 -5.79 -22.67 26.23
CA ASP A 81 -7.12 -22.15 26.52
C ASP A 81 -7.16 -20.63 26.35
N ILE A 82 -8.13 -20.16 25.58
CA ILE A 82 -8.35 -18.73 25.38
C ILE A 82 -9.80 -18.40 25.72
N ASP A 83 -10.01 -17.21 26.28
CA ASP A 83 -11.36 -16.70 26.42
C ASP A 83 -11.97 -16.40 25.07
N PRO A 84 -13.28 -16.64 24.87
CA PRO A 84 -13.89 -16.34 23.57
C PRO A 84 -13.74 -14.90 23.13
N THR A 85 -13.70 -13.95 24.07
CA THR A 85 -13.39 -12.57 23.72
C THR A 85 -12.00 -12.41 23.14
N HIS A 86 -11.23 -13.49 23.00
CA HIS A 86 -9.95 -13.46 22.32
C HIS A 86 -9.93 -14.33 21.08
N ALA A 87 -11.09 -14.79 20.63
CA ALA A 87 -11.24 -15.51 19.37
C ALA A 87 -12.02 -14.62 18.41
N TRP A 88 -11.56 -14.54 17.17
CA TRP A 88 -12.23 -13.78 16.12
C TRP A 88 -12.56 -14.74 14.99
N ASN A 89 -13.66 -14.46 14.31
CA ASN A 89 -14.02 -15.32 13.20
C ASN A 89 -12.96 -15.27 12.11
N CYS A 90 -12.97 -16.28 11.26
CA CYS A 90 -11.98 -16.48 10.23
C CYS A 90 -12.64 -16.59 8.86
N ASN A 91 -12.05 -15.97 7.85
CA ASN A 91 -12.44 -16.27 6.47
C ASN A 91 -11.49 -17.36 5.97
N SER A 92 -11.88 -18.60 6.22
CA SER A 92 -11.18 -19.75 5.65
C SER A 92 -11.77 -20.01 4.27
N GLN A 93 -10.94 -20.52 3.37
CA GLN A 93 -11.39 -20.87 2.03
C GLN A 93 -12.04 -19.67 1.34
N VAL A 94 -11.26 -18.62 1.16
CA VAL A 94 -11.62 -17.52 0.26
C VAL A 94 -10.33 -17.00 -0.35
N ASP A 95 -10.34 -16.79 -1.65
CA ASP A 95 -9.14 -16.33 -2.34
C ASP A 95 -9.03 -14.82 -2.17
N PRO A 96 -8.00 -14.31 -1.49
CA PRO A 96 -7.89 -12.86 -1.33
C PRO A 96 -7.66 -12.13 -2.64
N MET A 97 -7.19 -12.81 -3.67
CA MET A 97 -7.00 -12.12 -4.93
C MET A 97 -8.24 -12.05 -5.78
N SER A 98 -9.33 -12.70 -5.39
CA SER A 98 -10.49 -12.82 -6.28
C SER A 98 -11.45 -11.64 -6.19
N PHE A 99 -11.15 -10.61 -5.42
CA PHE A 99 -11.95 -9.40 -5.54
C PHE A 99 -11.18 -8.24 -4.91
N GLY A 100 -11.65 -7.03 -5.20
CA GLY A 100 -10.90 -5.86 -4.81
C GLY A 100 -11.27 -5.14 -3.53
N ASP A 101 -12.45 -5.35 -2.94
CA ASP A 101 -12.90 -4.54 -1.81
C ASP A 101 -12.98 -5.35 -0.53
N ILE A 102 -12.40 -4.81 0.55
CA ILE A 102 -12.37 -5.50 1.84
C ILE A 102 -13.78 -5.88 2.29
N GLY A 103 -14.77 -5.06 1.96
CA GLY A 103 -16.11 -5.28 2.47
C GLY A 103 -16.81 -6.51 1.93
N LEU A 104 -16.30 -7.11 0.86
CA LEU A 104 -16.86 -8.33 0.29
C LEU A 104 -16.52 -9.58 1.09
N LEU A 105 -15.61 -9.46 2.07
CA LEU A 105 -15.30 -10.58 2.95
C LEU A 105 -16.49 -10.92 3.84
N ASN A 106 -16.58 -12.19 4.22
CA ASN A 106 -17.69 -12.62 5.07
C ASN A 106 -17.60 -11.96 6.45
N HIS A 107 -16.42 -11.94 7.04
CA HIS A 107 -16.15 -11.21 8.26
C HIS A 107 -15.09 -10.17 8.01
N THR A 108 -15.29 -8.95 8.52
CA THR A 108 -14.29 -7.89 8.37
C THR A 108 -13.69 -7.46 9.70
N ASN A 109 -13.58 -8.37 10.67
CA ASN A 109 -12.88 -8.01 11.90
C ASN A 109 -11.43 -7.68 11.59
N ILE A 110 -10.67 -7.28 12.60
CA ILE A 110 -9.33 -6.70 12.39
C ILE A 110 -8.36 -7.78 11.90
N PRO A 111 -8.24 -8.94 12.56
CA PRO A 111 -7.36 -9.97 12.01
C PRO A 111 -7.73 -10.39 10.60
N CYS A 112 -9.03 -10.42 10.27
CA CYS A 112 -9.42 -10.78 8.91
C CYS A 112 -9.01 -9.71 7.92
N VAL A 113 -9.09 -8.43 8.33
CA VAL A 113 -8.72 -7.35 7.41
C VAL A 113 -7.22 -7.32 7.22
N LEU A 114 -6.47 -7.39 8.32
CA LEU A 114 -5.02 -7.49 8.22
C LEU A 114 -4.59 -8.64 7.32
N ASP A 115 -5.17 -9.84 7.52
CA ASP A 115 -4.74 -10.99 6.73
C ASP A 115 -5.13 -10.87 5.27
N PHE A 116 -6.31 -10.29 4.97
CA PHE A 116 -6.73 -10.11 3.57
C PHE A 116 -5.74 -9.20 2.83
N LEU A 117 -5.32 -8.11 3.46
CA LEU A 117 -4.39 -7.19 2.83
C LEU A 117 -2.99 -7.78 2.74
N LYS A 118 -2.61 -8.61 3.72
CA LYS A 118 -1.27 -9.19 3.71
C LYS A 118 -1.09 -10.13 2.52
N HIS A 119 -2.06 -11.01 2.29
N HIS A 119 -2.03 -11.09 2.40
CA HIS A 119 -1.80 -12.01 1.25
CA HIS A 119 -2.04 -12.03 1.29
C HIS A 119 -2.00 -11.45 -0.16
C HIS A 119 -1.85 -11.31 -0.03
N ARG A 120 -2.74 -10.35 -0.30
CA ARG A 120 -2.66 -9.59 -1.55
C ARG A 120 -1.30 -8.90 -1.67
N TYR A 121 -0.85 -8.27 -0.57
CA TYR A 121 0.43 -7.55 -0.64
C TYR A 121 1.57 -8.52 -0.96
N LEU A 122 1.51 -9.73 -0.41
CA LEU A 122 2.58 -10.70 -0.65
C LEU A 122 2.52 -11.28 -2.06
N LYS A 123 1.46 -11.02 -2.81
CA LYS A 123 1.42 -11.35 -4.22
C LYS A 123 1.48 -10.10 -5.09
N ASN A 124 2.01 -9.00 -4.55
CA ASN A 124 2.29 -7.79 -5.31
C ASN A 124 1.02 -7.12 -5.82
N GLN A 125 -0.08 -7.30 -5.09
CA GLN A 125 -1.33 -6.55 -5.29
C GLN A 125 -1.43 -5.60 -4.10
N ILE A 126 -0.97 -4.36 -4.28
CA ILE A 126 -0.90 -3.44 -3.15
C ILE A 126 -2.12 -2.53 -3.05
N TYR A 127 -3.07 -2.61 -3.98
CA TYR A 127 -4.23 -1.72 -4.03
C TYR A 127 -5.49 -2.49 -3.64
N THR A 128 -6.26 -1.93 -2.70
CA THR A 128 -7.47 -2.58 -2.20
C THR A 128 -8.40 -1.45 -1.80
N THR A 129 -9.69 -1.60 -2.07
CA THR A 129 -10.62 -0.53 -1.73
C THR A 129 -11.41 -0.88 -0.49
N ALA A 130 -11.89 0.17 0.15
CA ALA A 130 -12.87 0.12 1.23
C ALA A 130 -13.72 1.34 0.90
N VAL A 131 -14.70 1.16 0.03
CA VAL A 131 -15.43 2.24 -0.63
C VAL A 131 -15.81 3.28 0.42
N PRO A 132 -15.53 4.58 0.20
CA PRO A 132 -14.92 5.18 -1.00
C PRO A 132 -13.38 5.27 -0.99
N LEU A 133 -12.73 4.55 -0.09
CA LEU A 133 -11.30 4.71 0.12
C LEU A 133 -10.50 3.75 -0.76
N ILE A 134 -9.35 4.19 -1.22
CA ILE A 134 -8.42 3.30 -1.90
C ILE A 134 -7.20 3.16 -1.03
N VAL A 135 -6.85 1.93 -0.68
CA VAL A 135 -5.68 1.63 0.14
C VAL A 135 -4.54 1.21 -0.78
N ALA A 136 -3.34 1.80 -0.57
CA ALA A 136 -2.18 1.52 -1.41
C ALA A 136 -0.97 1.31 -0.50
N ILE A 137 -0.38 0.11 -0.53
CA ILE A 137 0.67 -0.26 0.39
C ILE A 137 2.02 -0.21 -0.33
N ASN A 138 2.95 0.51 0.24
CA ASN A 138 4.29 0.67 -0.31
C ASN A 138 4.99 -0.67 -0.50
N PRO A 139 5.20 -1.15 -1.72
CA PRO A 139 5.95 -2.41 -1.89
C PRO A 139 7.44 -2.26 -1.70
N TYR A 140 7.97 -1.04 -1.76
CA TYR A 140 9.40 -0.78 -1.54
C TYR A 140 10.27 -1.53 -2.54
N LYS A 141 9.75 -1.69 -3.75
CA LYS A 141 10.47 -2.23 -4.89
C LYS A 141 9.58 -1.96 -6.10
N ASP A 142 10.17 -1.95 -7.29
CA ASP A 142 9.38 -1.66 -8.47
C ASP A 142 8.62 -2.92 -8.88
N LEU A 143 7.31 -2.89 -8.68
CA LEU A 143 6.47 -4.02 -9.09
C LEU A 143 6.32 -4.09 -10.59
N GLY A 144 6.69 -3.04 -11.32
CA GLY A 144 6.50 -3.10 -12.75
C GLY A 144 5.08 -2.91 -13.22
N ASN A 145 4.19 -2.36 -12.39
CA ASN A 145 2.79 -2.20 -12.77
C ASN A 145 2.36 -0.75 -12.99
N THR A 146 3.30 0.19 -13.10
CA THR A 146 2.93 1.55 -13.46
C THR A 146 3.68 2.05 -14.70
N THR A 147 4.07 1.13 -15.58
CA THR A 147 4.74 1.48 -16.82
C THR A 147 3.75 2.00 -17.85
N ASN A 148 4.28 2.47 -18.98
CA ASN A 148 3.42 3.00 -20.04
C ASN A 148 2.49 1.93 -20.57
N GLU A 149 2.95 0.68 -20.63
CA GLU A 149 2.09 -0.37 -21.13
C GLU A 149 0.96 -0.65 -20.16
N TRP A 150 1.20 -0.49 -18.86
CA TRP A 150 0.09 -0.61 -17.92
C TRP A 150 -0.82 0.60 -17.95
N ILE A 151 -0.28 1.80 -18.22
CA ILE A 151 -1.14 2.98 -18.39
C ILE A 151 -2.11 2.75 -19.53
N ARG A 152 -1.57 2.34 -20.70
CA ARG A 152 -2.41 2.02 -21.85
C ARG A 152 -3.43 0.94 -21.54
N ARG A 153 -3.04 -0.15 -20.88
CA ARG A 153 -4.02 -1.18 -20.53
C ARG A 153 -5.14 -0.64 -19.66
N TYR A 154 -4.80 0.16 -18.65
CA TYR A 154 -5.85 0.68 -17.77
C TYR A 154 -6.71 1.73 -18.49
N ARG A 155 -6.12 2.49 -19.41
CA ARG A 155 -6.88 3.54 -20.08
C ARG A 155 -7.77 2.98 -21.18
N ASP A 156 -7.32 1.95 -21.89
CA ASP A 156 -7.94 1.49 -23.13
C ASP A 156 -8.75 0.22 -22.98
N THR A 157 -8.79 -0.39 -21.81
CA THR A 157 -9.61 -1.58 -21.60
C THR A 157 -11.09 -1.21 -21.63
N ALA A 158 -11.88 -2.03 -22.34
CA ALA A 158 -13.32 -1.81 -22.50
C ALA A 158 -14.04 -1.56 -21.16
N ASP A 159 -13.92 -2.51 -20.22
CA ASP A 159 -14.58 -2.46 -18.91
C ASP A 159 -13.52 -2.49 -17.81
N HIS A 160 -13.31 -1.36 -17.13
CA HIS A 160 -12.25 -1.30 -16.12
C HIS A 160 -12.54 -2.21 -14.94
N THR A 161 -13.75 -2.78 -14.88
CA THR A 161 -14.13 -3.69 -13.81
C THR A 161 -13.44 -5.05 -13.95
N LYS A 162 -13.06 -5.45 -15.17
CA LYS A 162 -12.28 -6.68 -15.30
C LYS A 162 -10.91 -6.57 -14.63
N LEU A 163 -10.37 -5.27 -14.37
CA LEU A 163 -9.01 -5.01 -13.87
C LEU A 163 -9.00 -4.83 -12.36
N PRO A 164 -7.89 -5.15 -11.70
CA PRO A 164 -7.83 -5.01 -10.24
C PRO A 164 -7.75 -3.56 -9.81
N PRO A 165 -8.10 -3.24 -8.56
CA PRO A 165 -7.86 -1.90 -8.05
C PRO A 165 -6.46 -1.44 -8.41
N HIS A 166 -6.33 -0.14 -8.67
CA HIS A 166 -5.07 0.46 -9.06
C HIS A 166 -5.24 1.98 -9.02
N VAL A 167 -4.14 2.71 -8.81
CA VAL A 167 -4.25 4.17 -8.82
C VAL A 167 -4.74 4.65 -10.19
N PHE A 168 -4.34 3.95 -11.26
CA PHE A 168 -4.88 4.25 -12.59
C PHE A 168 -6.40 4.10 -12.63
N THR A 169 -6.96 3.18 -11.87
CA THR A 169 -8.42 3.02 -11.90
C THR A 169 -9.09 4.26 -11.33
N CYS A 170 -8.49 4.82 -10.27
CA CYS A 170 -8.98 6.04 -9.66
C CYS A 170 -8.77 7.23 -10.58
N ALA A 171 -7.60 7.31 -11.21
CA ALA A 171 -7.38 8.35 -12.22
C ALA A 171 -8.38 8.23 -13.34
N ARG A 172 -8.67 7.01 -13.79
CA ARG A 172 -9.54 6.87 -14.94
C ARG A 172 -10.99 7.19 -14.57
N GLU A 173 -11.42 6.76 -13.39
CA GLU A 173 -12.78 7.12 -12.95
C GLU A 173 -12.89 8.62 -12.76
N ALA A 174 -11.93 9.22 -12.06
CA ALA A 174 -11.98 10.65 -11.81
C ALA A 174 -12.09 11.43 -13.13
N LEU A 175 -11.19 11.15 -14.07
CA LEU A 175 -11.24 11.81 -15.38
C LEU A 175 -12.53 11.49 -16.10
N SER A 176 -13.01 10.26 -15.95
CA SER A 176 -14.23 9.90 -16.66
C SER A 176 -15.45 10.59 -16.08
N ASN A 177 -15.48 10.79 -14.76
CA ASN A 177 -16.60 11.52 -14.18
C ASN A 177 -16.54 12.99 -14.54
N LEU A 178 -15.33 13.56 -14.54
CA LEU A 178 -15.18 14.97 -14.86
C LEU A 178 -15.76 15.28 -16.24
N HIS A 179 -15.34 14.53 -17.26
CA HIS A 179 -15.90 14.79 -18.59
C HIS A 179 -17.31 14.25 -18.74
N GLY A 180 -17.70 13.28 -17.91
CA GLY A 180 -19.02 12.70 -17.98
C GLY A 180 -20.12 13.60 -17.46
N VAL A 181 -19.88 14.37 -16.38
CA VAL A 181 -20.98 15.18 -15.86
C VAL A 181 -20.56 16.61 -15.56
N ASN A 182 -19.41 17.04 -16.09
CA ASN A 182 -18.96 18.41 -15.94
C ASN A 182 -18.85 18.82 -14.48
N LYS A 183 -18.16 17.97 -13.72
CA LYS A 183 -17.92 18.17 -12.30
C LYS A 183 -16.41 18.06 -12.06
N SER A 184 -15.85 19.04 -11.37
CA SER A 184 -14.45 18.95 -10.98
C SER A 184 -14.27 17.84 -9.96
N GLN A 185 -13.04 17.35 -9.86
CA GLN A 185 -12.71 16.26 -8.97
C GLN A 185 -11.43 16.62 -8.23
N THR A 186 -11.24 16.02 -7.04
CA THR A 186 -9.99 16.14 -6.30
C THR A 186 -9.57 14.75 -5.87
N ILE A 187 -8.31 14.41 -6.12
CA ILE A 187 -7.72 13.19 -5.64
C ILE A 187 -6.85 13.54 -4.44
N ILE A 188 -7.21 13.00 -3.28
CA ILE A 188 -6.57 13.36 -2.01
C ILE A 188 -5.69 12.19 -1.55
N VAL A 189 -4.38 12.40 -1.57
CA VAL A 189 -3.42 11.34 -1.29
C VAL A 189 -2.83 11.62 0.07
N SER A 190 -3.08 10.75 1.05
CA SER A 190 -2.62 11.05 2.39
C SER A 190 -2.05 9.79 3.03
N GLY A 191 -1.37 9.99 4.14
CA GLY A 191 -0.68 8.91 4.82
C GLY A 191 0.58 9.44 5.47
N GLU A 192 1.22 8.57 6.24
CA GLU A 192 2.41 8.95 6.99
C GLU A 192 3.66 8.89 6.11
N SER A 193 4.78 9.29 6.70
CA SER A 193 6.01 9.37 5.94
C SER A 193 6.39 8.01 5.40
N GLY A 194 6.87 8.01 4.16
CA GLY A 194 7.33 6.81 3.53
C GLY A 194 6.21 5.97 2.98
N ALA A 195 4.98 6.47 3.01
CA ALA A 195 3.87 5.59 2.66
C ALA A 195 3.69 5.44 1.17
N GLY A 196 4.32 6.27 0.35
CA GLY A 196 4.15 6.19 -1.10
C GLY A 196 3.22 7.23 -1.71
N LYS A 197 2.90 8.31 -0.97
CA LYS A 197 2.03 9.36 -1.50
C LYS A 197 2.63 9.98 -2.74
N THR A 198 3.90 10.38 -2.69
CA THR A 198 4.47 11.12 -3.82
C THR A 198 4.74 10.21 -5.01
N GLU A 199 5.10 8.95 -4.78
CA GLU A 199 5.10 8.00 -5.90
C GLU A 199 3.70 7.83 -6.48
N ALA A 200 2.68 7.74 -5.63
CA ALA A 200 1.33 7.61 -6.20
C ALA A 200 0.99 8.79 -7.07
N THR A 201 1.26 10.01 -6.58
CA THR A 201 0.72 11.13 -7.36
C THR A 201 1.51 11.31 -8.65
N LYS A 202 2.79 10.91 -8.67
CA LYS A 202 3.55 10.97 -9.90
C LYS A 202 3.04 9.92 -10.90
N GLN A 203 2.64 8.74 -10.40
CA GLN A 203 2.08 7.73 -11.29
C GLN A 203 0.75 8.19 -11.87
N ILE A 204 -0.09 8.85 -11.07
CA ILE A 204 -1.33 9.35 -11.63
C ILE A 204 -1.04 10.43 -12.67
N MET A 205 -0.09 11.33 -12.38
CA MET A 205 0.21 12.40 -13.33
C MET A 205 0.62 11.84 -14.68
N ARG A 206 1.44 10.79 -14.69
CA ARG A 206 1.90 10.21 -15.95
C ARG A 206 0.75 9.56 -16.69
N TYR A 207 -0.13 8.87 -15.96
CA TYR A 207 -1.39 8.46 -16.56
C TYR A 207 -2.07 9.64 -17.25
N PHE A 208 -2.31 10.72 -16.50
CA PHE A 208 -3.02 11.86 -17.06
C PHE A 208 -2.27 12.45 -18.24
N ALA A 209 -0.95 12.31 -18.28
CA ALA A 209 -0.19 12.88 -19.38
C ALA A 209 -0.13 11.99 -20.61
N SER A 210 -0.76 10.83 -20.59
CA SER A 210 -0.68 9.86 -21.68
C SER A 210 -1.88 10.02 -22.58
N SER A 211 -1.75 10.82 -23.63
CA SER A 211 -2.91 10.99 -24.50
C SER A 211 -3.03 9.82 -25.45
N LYS A 212 -4.28 9.50 -25.82
CA LYS A 212 -4.51 8.42 -26.76
C LYS A 212 -3.76 8.66 -28.06
N SER A 213 -3.69 9.91 -28.51
CA SER A 213 -3.03 10.23 -29.77
C SER A 213 -2.53 11.67 -29.87
N GLY A 214 -1.77 12.14 -28.89
CA GLY A 214 -1.10 13.42 -29.05
C GLY A 214 -1.71 14.51 -28.17
N ASN A 215 -0.89 15.54 -27.94
CA ASN A 215 -1.25 16.68 -27.09
C ASN A 215 -0.61 17.92 -27.70
N MET A 216 -1.41 18.76 -28.37
CA MET A 216 -0.87 19.99 -28.95
C MET A 216 -0.28 20.91 -27.90
N ASP A 217 -0.78 20.85 -26.66
CA ASP A 217 -0.27 21.65 -25.55
C ASP A 217 0.87 20.94 -24.83
N LEU A 218 1.73 20.27 -25.59
CA LEU A 218 2.80 19.50 -24.97
C LEU A 218 3.77 20.40 -24.22
N ARG A 219 3.94 21.64 -24.69
CA ARG A 219 4.83 22.57 -24.01
C ARG A 219 4.36 22.82 -22.58
N ILE A 220 3.04 22.92 -22.37
CA ILE A 220 2.54 23.16 -21.02
C ILE A 220 2.63 21.90 -20.18
N GLN A 221 2.24 20.76 -20.74
CA GLN A 221 2.37 19.50 -20.03
C GLN A 221 3.80 19.23 -19.61
N THR A 222 4.76 19.49 -20.51
CA THR A 222 6.17 19.26 -20.20
C THR A 222 6.63 20.12 -19.04
N ALA A 223 6.15 21.37 -18.96
CA ALA A 223 6.48 22.22 -17.83
C ALA A 223 5.93 21.66 -16.54
N ILE A 224 4.68 21.16 -16.58
CA ILE A 224 4.08 20.60 -15.36
C ILE A 224 4.85 19.35 -14.91
N MET A 225 5.15 18.44 -15.84
CA MET A 225 5.87 17.24 -15.45
C MET A 225 7.26 17.59 -14.97
N ALA A 226 7.92 18.52 -15.66
CA ALA A 226 9.25 18.96 -15.26
C ALA A 226 9.27 19.54 -13.86
N ALA A 227 8.12 20.01 -13.35
CA ALA A 227 8.07 20.56 -11.99
C ALA A 227 8.29 19.52 -10.91
N ASN A 228 8.07 18.22 -11.20
CA ASN A 228 8.32 17.20 -10.19
C ASN A 228 9.78 17.16 -9.74
N PRO A 229 10.78 17.00 -10.63
CA PRO A 229 12.17 17.05 -10.16
C PRO A 229 12.51 18.33 -9.44
N VAL A 230 12.00 19.46 -9.93
CA VAL A 230 12.36 20.78 -9.38
C VAL A 230 11.77 20.95 -7.99
N LEU A 231 10.45 20.71 -7.85
CA LEU A 231 9.83 20.81 -6.54
C LEU A 231 10.49 19.85 -5.55
N GLU A 232 10.76 18.60 -5.97
CA GLU A 232 11.48 17.68 -5.09
C GLU A 232 12.87 18.22 -4.72
N ALA A 233 13.63 18.75 -5.68
CA ALA A 233 14.96 19.25 -5.34
C ALA A 233 14.90 20.35 -4.29
N PHE A 234 13.92 21.24 -4.39
CA PHE A 234 13.88 22.39 -3.50
C PHE A 234 13.10 22.12 -2.23
N GLY A 235 12.18 21.16 -2.25
CA GLY A 235 11.27 20.94 -1.14
C GLY A 235 11.36 19.60 -0.46
N ASN A 236 12.16 18.67 -1.02
CA ASN A 236 12.31 17.34 -0.46
C ASN A 236 13.70 17.18 0.16
N ALA A 237 13.79 16.31 1.17
CA ALA A 237 15.00 16.12 1.96
C ALA A 237 15.06 14.67 2.38
N LYS A 238 16.26 14.23 2.75
CA LYS A 238 16.47 12.87 3.23
C LYS A 238 16.32 12.85 4.75
N THR A 239 15.29 12.19 5.24
CA THR A 239 15.04 11.98 6.66
C THR A 239 15.36 10.52 7.01
N ILE A 240 15.26 10.21 8.31
CA ILE A 240 15.52 8.83 8.71
C ILE A 240 14.47 7.90 8.10
N ARG A 241 13.26 8.39 7.88
CA ARG A 241 12.15 7.56 7.42
C ARG A 241 12.03 7.46 5.90
N ASN A 242 12.61 8.39 5.15
CA ASN A 242 12.39 8.49 3.71
C ASN A 242 13.59 9.22 3.14
N ASN A 243 14.29 8.61 2.18
CA ASN A 243 15.40 9.33 1.58
C ASN A 243 14.92 10.53 0.78
N ASN A 244 13.62 10.62 0.52
CA ASN A 244 13.05 11.65 -0.37
C ASN A 244 11.74 12.20 0.23
N SER A 245 11.84 12.78 1.43
CA SER A 245 10.66 13.24 2.16
C SER A 245 10.21 14.58 1.64
N SER A 246 8.89 14.73 1.40
CA SER A 246 8.32 16.03 1.02
C SER A 246 8.06 16.86 2.27
N ARG A 247 8.75 18.00 2.38
CA ARG A 247 8.68 18.88 3.55
C ARG A 247 7.77 20.06 3.28
N PHE A 248 6.72 19.82 2.52
CA PHE A 248 5.73 20.84 2.20
C PHE A 248 4.49 20.09 1.70
N GLY A 249 3.32 20.71 1.87
CA GLY A 249 2.09 20.15 1.32
C GLY A 249 1.93 20.70 -0.09
N ARG A 250 1.37 19.87 -0.97
CA ARG A 250 1.28 20.21 -2.39
C ARG A 250 -0.15 20.09 -2.86
N PHE A 251 -0.65 21.13 -3.54
CA PHE A 251 -1.94 21.08 -4.20
C PHE A 251 -1.77 21.43 -5.67
N MET A 252 -2.51 20.75 -6.52
CA MET A 252 -2.38 20.94 -7.96
C MET A 252 -3.77 20.92 -8.55
N GLN A 253 -3.98 21.76 -9.54
CA GLN A 253 -5.18 21.72 -10.37
C GLN A 253 -4.73 21.45 -11.79
N LEU A 254 -5.47 20.62 -12.50
CA LEU A 254 -5.06 20.21 -13.83
C LEU A 254 -6.27 20.25 -14.77
N VAL A 255 -6.00 20.58 -16.02
CA VAL A 255 -6.97 20.47 -17.10
C VAL A 255 -6.46 19.37 -18.02
N ILE A 256 -7.29 18.34 -18.22
CA ILE A 256 -6.85 17.12 -18.91
C ILE A 256 -7.89 16.77 -19.97
N SER A 257 -7.45 16.69 -21.24
CA SER A 257 -8.35 16.25 -22.31
C SER A 257 -8.88 14.85 -22.00
N HIS A 258 -10.08 14.55 -22.53
CA HIS A 258 -10.73 13.31 -22.14
C HIS A 258 -10.02 12.07 -22.66
N GLU A 259 -9.17 12.21 -23.68
CA GLU A 259 -8.33 11.10 -24.15
C GLU A 259 -6.92 11.18 -23.57
N GLY A 260 -6.71 11.99 -22.55
CA GLY A 260 -5.41 12.13 -21.93
C GLY A 260 -4.67 13.34 -22.47
N GLY A 261 -3.73 13.84 -21.68
CA GLY A 261 -2.97 15.00 -22.10
C GLY A 261 -3.29 16.19 -21.23
N ILE A 262 -2.28 16.75 -20.58
CA ILE A 262 -2.48 17.87 -19.65
C ILE A 262 -2.42 19.17 -20.43
N ARG A 263 -3.47 20.00 -20.29
CA ARG A 263 -3.55 21.21 -21.09
C ARG A 263 -3.25 22.48 -20.30
N TYR A 264 -3.51 22.47 -19.00
CA TYR A 264 -3.29 23.61 -18.11
C TYR A 264 -3.05 23.06 -16.72
N GLY A 265 -2.53 23.90 -15.85
CA GLY A 265 -2.31 23.44 -14.49
C GLY A 265 -1.93 24.60 -13.61
N SER A 266 -1.86 24.32 -12.31
CA SER A 266 -1.54 25.31 -11.30
C SER A 266 -1.01 24.55 -10.10
N VAL A 267 0.06 25.05 -9.46
CA VAL A 267 0.70 24.37 -8.34
C VAL A 267 0.67 25.28 -7.11
N VAL A 268 0.48 24.68 -5.94
CA VAL A 268 0.44 25.40 -4.68
C VAL A 268 1.18 24.58 -3.64
N ALA A 269 2.16 25.19 -2.96
CA ALA A 269 2.91 24.54 -1.90
C ALA A 269 2.64 25.25 -0.59
N PHE A 270 2.42 24.52 0.48
CA PHE A 270 2.25 25.16 1.79
C PHE A 270 3.09 24.51 2.88
N LEU A 271 3.36 25.35 3.89
CA LEU A 271 4.05 24.98 5.10
C LEU A 271 5.38 24.28 4.79
N LEU A 272 6.23 24.98 4.03
CA LEU A 272 7.59 24.52 3.85
C LEU A 272 8.30 24.48 5.21
N GLU A 273 9.08 23.42 5.45
CA GLU A 273 9.77 23.25 6.73
C GLU A 273 11.01 24.13 6.74
N LYS A 274 10.79 25.43 6.97
CA LYS A 274 11.88 26.41 6.89
C LYS A 274 13.01 26.07 7.84
N SER A 275 12.70 25.51 9.00
CA SER A 275 13.73 25.25 10.00
C SER A 275 14.80 24.31 9.48
N ARG A 276 14.47 23.45 8.51
CA ARG A 276 15.44 22.51 7.97
C ARG A 276 16.59 23.20 7.26
N ILE A 277 16.37 24.44 6.81
CA ILE A 277 17.42 25.18 6.10
C ILE A 277 18.59 25.48 7.03
N ILE A 278 18.34 25.58 8.33
CA ILE A 278 19.38 25.99 9.26
C ILE A 278 20.08 24.80 9.88
N THR A 279 19.33 23.79 10.29
CA THR A 279 19.92 22.71 11.06
C THR A 279 19.18 21.43 10.71
N GLN A 280 19.85 20.29 10.92
CA GLN A 280 19.27 18.99 10.61
C GLN A 280 19.68 18.00 11.68
N ASP A 281 18.78 17.06 11.97
CA ASP A 281 19.15 15.99 12.89
C ASP A 281 20.28 15.15 12.30
N ASP A 282 20.77 14.22 13.09
CA ASP A 282 21.78 13.31 12.60
C ASP A 282 21.15 12.33 11.61
N ASN A 283 21.98 11.86 10.65
CA ASN A 283 21.58 11.01 9.52
C ASN A 283 20.46 11.63 8.69
N GLU A 284 20.37 12.97 8.67
CA GLU A 284 19.41 13.67 7.83
C GLU A 284 20.15 14.72 7.01
N ARG A 285 19.59 15.08 5.84
CA ARG A 285 20.14 16.17 5.04
C ARG A 285 19.17 17.36 5.01
N SER A 286 19.67 18.46 4.45
CA SER A 286 18.83 19.60 4.07
C SER A 286 18.21 19.30 2.72
N TYR A 287 17.67 20.31 2.04
CA TYR A 287 16.95 20.04 0.79
C TYR A 287 17.93 19.52 -0.24
N HIS A 288 17.45 18.58 -1.08
CA HIS A 288 18.32 17.98 -2.09
C HIS A 288 19.10 19.05 -2.84
N ILE A 289 18.44 20.16 -3.18
CA ILE A 289 19.04 21.11 -4.13
C ILE A 289 20.43 21.54 -3.69
N PHE A 290 20.66 21.64 -2.38
CA PHE A 290 21.95 22.11 -1.88
C PHE A 290 23.07 21.16 -2.28
N TYR A 291 22.80 19.87 -2.25
CA TYR A 291 23.79 18.85 -2.52
C TYR A 291 23.94 18.59 -4.01
N GLN A 292 22.80 18.55 -4.73
CA GLN A 292 22.84 18.53 -6.19
C GLN A 292 23.74 19.64 -6.72
N PHE A 293 23.48 20.86 -6.24
CA PHE A 293 24.18 22.05 -6.69
C PHE A 293 25.67 22.02 -6.36
N LEU A 294 26.01 21.79 -5.08
CA LEU A 294 27.41 21.82 -4.68
C LEU A 294 28.21 20.71 -5.36
N LYS A 295 27.64 19.51 -5.52
CA LYS A 295 28.33 18.40 -6.18
C LYS A 295 28.30 18.51 -7.70
N GLY A 296 27.26 19.12 -8.28
CA GLY A 296 27.05 19.05 -9.71
C GLY A 296 27.56 20.23 -10.51
N ALA A 297 27.72 21.37 -9.85
CA ALA A 297 28.19 22.59 -10.50
C ALA A 297 29.55 22.34 -11.14
N ASN A 298 29.78 22.90 -12.33
CA ASN A 298 31.07 22.69 -12.97
C ASN A 298 32.10 23.69 -12.45
N SER A 299 33.35 23.51 -12.87
CA SER A 299 34.44 24.31 -12.31
C SER A 299 34.19 25.79 -12.47
N THR A 300 33.59 26.19 -13.60
CA THR A 300 33.36 27.62 -13.86
C THR A 300 32.29 28.17 -12.93
N MET A 301 31.23 27.39 -12.67
CA MET A 301 30.20 27.80 -11.72
C MET A 301 30.71 27.78 -10.29
N LYS A 302 31.62 26.88 -9.96
CA LYS A 302 32.23 26.93 -8.64
C LYS A 302 33.12 28.17 -8.51
N SER A 303 33.81 28.55 -9.58
CA SER A 303 34.64 29.74 -9.51
C SER A 303 33.79 30.98 -9.28
N LYS A 304 32.75 31.16 -10.10
CA LYS A 304 31.98 32.39 -10.02
C LYS A 304 31.41 32.57 -8.62
N PHE A 305 30.76 31.54 -8.10
CA PHE A 305 30.07 31.60 -6.83
C PHE A 305 30.98 31.31 -5.64
N GLY A 306 32.23 30.93 -5.89
CA GLY A 306 33.11 30.62 -4.77
C GLY A 306 32.59 29.48 -3.93
N LEU A 307 32.12 28.42 -4.57
CA LEU A 307 31.59 27.28 -3.85
C LEU A 307 32.71 26.43 -3.25
N LYS A 308 32.47 25.93 -2.05
CA LYS A 308 33.28 24.96 -1.35
C LYS A 308 32.57 23.62 -1.40
N GLY A 309 32.99 22.68 -0.53
CA GLY A 309 32.47 21.33 -0.58
C GLY A 309 31.24 21.13 0.28
N VAL A 310 30.48 20.05 -0.02
CA VAL A 310 29.29 19.73 0.76
C VAL A 310 29.61 19.62 2.24
N THR A 311 30.81 19.16 2.57
CA THR A 311 31.18 19.03 3.97
C THR A 311 31.76 20.30 4.54
N GLU A 312 31.59 21.44 3.87
CA GLU A 312 32.27 22.67 4.24
C GLU A 312 31.29 23.82 4.48
N TYR A 313 30.05 23.51 4.86
CA TYR A 313 29.03 24.55 5.05
C TYR A 313 28.33 24.38 6.38
N LYS A 314 28.24 25.49 7.12
CA LYS A 314 27.60 25.48 8.43
C LYS A 314 26.15 25.04 8.35
N LEU A 315 25.45 25.37 7.25
CA LEU A 315 24.03 25.06 7.14
C LEU A 315 23.76 23.63 6.69
N LEU A 316 24.78 22.90 6.29
CA LEU A 316 24.63 21.52 5.83
C LEU A 316 25.32 20.60 6.83
N ASN A 317 24.61 19.56 7.26
CA ASN A 317 25.16 18.58 8.20
C ASN A 317 26.38 17.93 7.57
N PRO A 318 27.58 18.10 8.13
CA PRO A 318 28.78 17.59 7.46
C PRO A 318 28.83 16.09 7.33
N ASN A 319 28.00 15.35 8.06
CA ASN A 319 28.18 13.90 8.16
C ASN A 319 27.16 13.07 7.40
N SER A 320 26.11 13.66 6.85
CA SER A 320 25.06 12.94 6.12
C SER A 320 25.01 13.32 4.64
N THR A 321 26.12 13.89 4.16
CA THR A 321 26.24 14.37 2.79
C THR A 321 25.80 13.36 1.74
N GLU A 322 26.11 12.08 1.95
CA GLU A 322 25.87 11.07 0.93
C GLU A 322 24.69 10.19 1.33
N VAL A 323 23.84 9.87 0.36
CA VAL A 323 22.66 9.01 0.57
C VAL A 323 22.80 7.83 -0.37
N SER A 324 22.77 6.62 0.18
CA SER A 324 22.89 5.44 -0.68
C SER A 324 21.73 5.39 -1.67
N GLY A 325 22.06 5.16 -2.94
CA GLY A 325 21.06 5.06 -3.98
C GLY A 325 20.75 6.35 -4.69
N VAL A 326 21.32 7.47 -4.25
CA VAL A 326 20.98 8.80 -4.76
C VAL A 326 22.22 9.41 -5.39
N ASP A 327 22.12 9.74 -6.67
CA ASP A 327 23.22 10.32 -7.44
C ASP A 327 22.93 11.81 -7.59
N ASP A 328 23.43 12.63 -6.64
CA ASP A 328 23.02 14.02 -6.62
C ASP A 328 23.46 14.75 -7.88
N VAL A 329 24.59 14.34 -8.45
CA VAL A 329 25.08 14.99 -9.66
C VAL A 329 24.12 14.75 -10.83
N LYS A 330 23.73 13.49 -11.04
CA LYS A 330 22.76 13.18 -12.09
C LYS A 330 21.45 13.92 -11.84
N ASP A 331 21.03 14.00 -10.58
CA ASP A 331 19.83 14.73 -10.23
C ASP A 331 19.96 16.20 -10.59
N PHE A 332 21.15 16.78 -10.35
CA PHE A 332 21.36 18.18 -10.74
C PHE A 332 21.07 18.38 -12.22
N GLU A 333 21.68 17.56 -13.09
CA GLU A 333 21.46 17.69 -14.52
C GLU A 333 19.98 17.60 -14.88
N GLU A 334 19.24 16.73 -14.19
CA GLU A 334 17.79 16.70 -14.37
C GLU A 334 17.12 17.98 -13.91
N VAL A 335 17.59 18.57 -12.80
CA VAL A 335 16.98 19.80 -12.34
C VAL A 335 17.28 20.93 -13.32
N ILE A 336 18.51 20.99 -13.82
CA ILE A 336 18.83 22.07 -14.76
C ILE A 336 17.97 21.95 -16.01
N GLU A 337 17.85 20.73 -16.56
CA GLU A 337 17.03 20.55 -17.75
C GLU A 337 15.57 20.83 -17.45
N SER A 338 15.10 20.48 -16.25
CA SER A 338 13.72 20.74 -15.91
C SER A 338 13.47 22.24 -15.78
N LEU A 339 14.40 22.98 -15.17
CA LEU A 339 14.21 24.42 -15.06
C LEU A 339 14.00 25.03 -16.44
N LYS A 340 14.80 24.59 -17.44
CA LYS A 340 14.62 25.09 -18.80
C LYS A 340 13.26 24.68 -19.35
N ASN A 341 12.76 23.50 -18.97
CA ASN A 341 11.45 23.07 -19.45
C ASN A 341 10.31 23.84 -18.82
N MET A 342 10.54 24.54 -17.70
CA MET A 342 9.58 25.50 -17.17
C MET A 342 9.80 26.90 -17.73
N GLU A 343 10.64 27.01 -18.78
CA GLU A 343 10.84 28.25 -19.51
C GLU A 343 11.49 29.31 -18.64
N LEU A 344 12.54 28.90 -17.93
CA LEU A 344 13.48 29.83 -17.34
C LEU A 344 14.69 29.95 -18.26
N SER A 345 15.14 31.18 -18.49
CA SER A 345 16.33 31.38 -19.30
C SER A 345 17.58 30.92 -18.53
N GLU A 346 18.72 30.91 -19.23
CA GLU A 346 19.97 30.64 -18.52
C GLU A 346 20.29 31.75 -17.54
N SER A 347 20.09 33.00 -17.93
CA SER A 347 20.20 34.12 -17.00
C SER A 347 19.38 33.85 -15.73
N ASP A 348 18.10 33.49 -15.90
CA ASP A 348 17.22 33.22 -14.75
C ASP A 348 17.80 32.13 -13.86
N ILE A 349 18.20 31.01 -14.46
CA ILE A 349 18.70 29.88 -13.68
C ILE A 349 19.97 30.27 -12.96
N GLU A 350 20.82 31.08 -13.60
CA GLU A 350 22.05 31.53 -12.98
C GLU A 350 21.75 32.41 -11.77
N VAL A 351 20.71 33.24 -11.85
CA VAL A 351 20.32 34.03 -10.70
C VAL A 351 19.83 33.11 -9.60
N ILE A 352 19.03 32.11 -9.96
CA ILE A 352 18.49 31.18 -8.96
C ILE A 352 19.62 30.56 -8.15
N PHE A 353 20.61 30.00 -8.83
CA PHE A 353 21.70 29.37 -8.10
C PHE A 353 22.66 30.37 -7.48
N SER A 354 22.73 31.59 -8.02
CA SER A 354 23.43 32.63 -7.28
C SER A 354 22.80 32.83 -5.92
N ILE A 355 21.47 32.92 -5.86
CA ILE A 355 20.81 33.14 -4.57
C ILE A 355 21.09 31.97 -3.63
N VAL A 356 20.94 30.74 -4.14
CA VAL A 356 21.24 29.56 -3.32
C VAL A 356 22.67 29.63 -2.79
N ALA A 357 23.62 29.97 -3.67
CA ALA A 357 25.02 30.12 -3.25
C ALA A 357 25.18 31.20 -2.19
N GLY A 358 24.38 32.26 -2.25
CA GLY A 358 24.48 33.29 -1.23
C GLY A 358 23.88 32.85 0.10
N ILE A 359 22.76 32.14 0.05
CA ILE A 359 22.20 31.56 1.26
C ILE A 359 23.23 30.68 1.97
N LEU A 360 23.81 29.72 1.24
CA LEU A 360 24.83 28.86 1.82
C LEU A 360 25.96 29.67 2.42
N THR A 361 26.38 30.72 1.72
CA THR A 361 27.54 31.46 2.17
C THR A 361 27.22 32.29 3.40
N LEU A 362 26.06 32.94 3.41
CA LEU A 362 25.67 33.68 4.60
C LEU A 362 25.72 32.78 5.83
N GLY A 363 25.37 31.52 5.66
CA GLY A 363 25.43 30.60 6.78
C GLY A 363 26.83 30.40 7.32
N ASN A 364 27.85 30.73 6.54
CA ASN A 364 29.23 30.52 6.96
C ASN A 364 29.82 31.75 7.60
N VAL A 365 29.11 32.88 7.54
CA VAL A 365 29.51 34.06 8.28
C VAL A 365 29.35 33.81 9.77
N ARG A 366 30.37 34.15 10.55
CA ARG A 366 30.37 33.98 12.00
C ARG A 366 30.25 35.33 12.69
N LEU A 367 29.49 35.38 13.78
CA LEU A 367 29.33 36.60 14.56
C LEU A 367 29.98 36.41 15.93
N ILE A 368 30.46 37.52 16.49
CA ILE A 368 31.07 37.53 17.81
C ILE A 368 30.44 38.62 18.67
N GLU A 369 30.66 38.52 19.97
N GLU A 369 30.68 38.53 19.97
CA GLU A 369 30.26 39.57 20.89
CA GLU A 369 30.28 39.55 20.93
C GLU A 369 31.36 40.63 20.96
C GLU A 369 31.36 40.62 21.03
N LYS A 370 30.94 41.88 21.16
CA LYS A 370 31.84 43.02 21.24
C LYS A 370 31.43 43.93 22.38
N GLN A 371 32.25 43.97 23.43
CA GLN A 371 31.92 44.66 24.66
C GLN A 371 32.76 45.92 24.85
N GLU A 372 32.11 47.04 25.17
CA GLU A 372 32.77 48.31 25.45
C GLU A 372 32.45 48.77 26.87
N SER A 376 26.46 47.60 27.33
CA SER A 376 26.63 47.33 25.90
C SER A 376 26.47 45.83 25.57
N ASP A 377 27.57 45.19 25.17
CA ASP A 377 27.60 43.79 24.66
C ASP A 377 26.88 43.68 23.31
N ALA A 378 27.41 44.41 22.34
CA ALA A 378 26.90 44.39 20.98
C ALA A 378 27.44 43.17 20.22
N ALA A 379 26.96 42.99 19.01
CA ALA A 379 27.44 41.95 18.12
C ALA A 379 28.13 42.60 16.92
N ALA A 380 28.92 41.78 16.22
CA ALA A 380 29.67 42.21 15.05
C ALA A 380 30.06 40.97 14.25
N ILE A 381 30.37 41.19 12.99
CA ILE A 381 30.85 40.12 12.13
C ILE A 381 32.33 39.90 12.40
N MET A 382 32.74 38.64 12.48
CA MET A 382 34.16 38.32 12.63
C MET A 382 34.92 38.93 11.46
N ASP A 383 36.05 39.56 11.78
CA ASP A 383 36.79 40.32 10.77
C ASP A 383 37.13 39.46 9.57
N GLU A 384 37.53 38.21 9.80
CA GLU A 384 37.95 37.35 8.70
C GLU A 384 36.78 36.88 7.86
N ASP A 385 35.55 37.18 8.26
CA ASP A 385 34.38 36.79 7.51
C ASP A 385 33.72 37.96 6.79
N MET A 386 34.36 39.13 6.79
CA MET A 386 33.71 40.27 6.15
C MET A 386 33.64 40.13 4.64
N GLY A 387 34.66 39.54 4.02
CA GLY A 387 34.54 39.21 2.61
C GLY A 387 33.46 38.17 2.39
N VAL A 388 33.43 37.15 3.25
CA VAL A 388 32.45 36.08 3.11
C VAL A 388 31.04 36.66 3.21
N PHE A 389 30.85 37.63 4.10
CA PHE A 389 29.56 38.31 4.18
C PHE A 389 29.28 39.11 2.91
N ASN A 390 30.26 39.88 2.44
CA ASN A 390 30.09 40.69 1.24
C ASN A 390 29.77 39.82 0.03
N LYS A 391 30.55 38.76 -0.20
CA LYS A 391 30.27 37.86 -1.31
C LYS A 391 28.85 37.32 -1.23
N ALA A 392 28.39 36.97 -0.02
CA ALA A 392 27.06 36.38 0.09
C ALA A 392 25.99 37.38 -0.28
N CYS A 393 26.20 38.67 0.04
CA CYS A 393 25.19 39.67 -0.35
C CYS A 393 25.25 39.97 -1.85
N GLU A 394 26.46 40.09 -2.41
CA GLU A 394 26.59 40.18 -3.86
C GLU A 394 25.94 38.98 -4.54
N LEU A 395 26.10 37.80 -3.94
CA LEU A 395 25.50 36.60 -4.52
C LEU A 395 23.98 36.66 -4.48
N MET A 396 23.40 37.35 -3.51
CA MET A 396 21.96 37.48 -3.42
C MET A 396 21.48 38.82 -3.93
N TYR A 397 22.35 39.58 -4.58
CA TYR A 397 21.99 40.88 -5.13
C TYR A 397 21.39 41.77 -4.03
N LEU A 398 22.01 41.73 -2.86
CA LEU A 398 21.56 42.53 -1.74
C LEU A 398 22.60 43.59 -1.45
N ASP A 399 22.16 44.67 -0.78
CA ASP A 399 23.04 45.77 -0.42
C ASP A 399 23.78 45.40 0.86
N PRO A 400 25.09 45.16 0.78
CA PRO A 400 25.78 44.54 1.93
C PRO A 400 25.76 45.43 3.17
N GLU A 401 25.91 46.74 3.00
CA GLU A 401 25.94 47.63 4.16
C GLU A 401 24.54 47.75 4.79
N LEU A 402 23.51 47.87 3.96
CA LEU A 402 22.15 47.89 4.47
C LEU A 402 21.79 46.59 5.17
N ILE A 403 22.24 45.45 4.63
CA ILE A 403 21.95 44.17 5.29
C ILE A 403 22.72 44.05 6.60
N LYS A 404 23.99 44.46 6.60
CA LYS A 404 24.77 44.51 7.84
C LYS A 404 24.02 45.27 8.92
N ARG A 405 23.50 46.46 8.58
CA ARG A 405 22.88 47.32 9.60
C ARG A 405 21.69 46.62 10.23
N GLU A 406 20.79 46.07 9.42
CA GLU A 406 19.60 45.44 9.98
C GLU A 406 19.95 44.27 10.87
N ILE A 407 21.10 43.63 10.66
CA ILE A 407 21.51 42.52 11.50
C ILE A 407 22.25 42.99 12.75
N LEU A 408 22.88 44.15 12.70
CA LEU A 408 23.68 44.61 13.83
C LEU A 408 23.03 45.71 14.65
N ILE A 409 22.16 46.53 14.05
CA ILE A 409 21.60 47.71 14.70
C ILE A 409 20.14 47.44 15.02
N LYS A 410 19.80 47.55 16.30
CA LYS A 410 18.46 47.33 16.80
C LYS A 410 17.80 48.67 17.03
N VAL A 411 16.60 48.85 16.49
CA VAL A 411 15.77 49.99 16.88
C VAL A 411 14.66 49.47 17.77
N THR A 412 14.54 50.05 18.96
CA THR A 412 13.49 49.72 19.92
C THR A 412 12.69 50.97 20.22
N VAL A 413 11.48 50.77 20.72
CA VAL A 413 10.62 51.87 21.17
C VAL A 413 10.48 51.77 22.68
N ALA A 414 10.84 52.85 23.37
CA ALA A 414 10.72 53.00 24.81
C ALA A 414 10.22 54.42 25.06
N GLY A 415 9.41 54.57 26.11
CA GLY A 415 8.49 55.70 26.07
C GLY A 415 7.76 55.63 24.75
N GLY A 416 7.62 56.77 24.09
CA GLY A 416 7.14 56.71 22.73
C GLY A 416 8.23 57.16 21.78
N THR A 417 9.48 56.79 22.09
CA THR A 417 10.65 57.30 21.39
C THR A 417 11.43 56.15 20.77
N LYS A 418 11.86 56.34 19.51
CA LYS A 418 12.72 55.37 18.86
C LYS A 418 14.14 55.51 19.38
N ILE A 419 14.76 54.41 19.72
CA ILE A 419 16.08 54.42 20.35
C ILE A 419 16.96 53.48 19.55
N GLU A 420 18.16 53.95 19.18
CA GLU A 420 19.09 53.12 18.42
C GLU A 420 19.98 52.37 19.41
N GLY A 421 19.96 51.05 19.32
CA GLY A 421 20.84 50.22 20.11
C GLY A 421 21.51 49.16 19.26
N ARG A 422 21.97 48.08 19.87
CA ARG A 422 22.63 47.02 19.12
C ARG A 422 22.04 45.68 19.50
N TRP A 423 21.90 44.81 18.51
CA TRP A 423 21.58 43.42 18.77
C TRP A 423 22.80 42.75 19.37
N ASN A 424 22.58 41.88 20.35
CA ASN A 424 23.68 41.07 20.85
C ASN A 424 23.95 39.92 19.88
N LYS A 425 24.97 39.12 20.17
CA LYS A 425 25.33 38.05 19.25
C LYS A 425 24.17 37.09 19.03
N ASN A 426 23.46 36.74 20.09
CA ASN A 426 22.43 35.72 19.95
C ASN A 426 21.29 36.22 19.06
N ASP A 427 20.84 37.44 19.29
CA ASP A 427 19.75 37.96 18.47
C ASP A 427 20.22 38.23 17.04
N ALA A 428 21.46 38.69 16.86
CA ALA A 428 21.93 38.93 15.51
C ALA A 428 22.05 37.64 14.72
N GLU A 429 22.41 36.54 15.38
CA GLU A 429 22.41 35.27 14.67
C GLU A 429 21.01 34.84 14.30
N VAL A 430 20.02 35.18 15.14
CA VAL A 430 18.65 34.87 14.78
C VAL A 430 18.23 35.64 13.54
N LEU A 431 18.77 36.84 13.36
CA LEU A 431 18.40 37.62 12.20
C LEU A 431 19.08 37.10 10.94
N LYS A 432 20.39 36.82 11.03
CA LYS A 432 21.07 36.14 9.93
C LYS A 432 20.32 34.87 9.51
N SER A 433 19.86 34.09 10.49
CA SER A 433 19.16 32.84 10.17
C SER A 433 17.82 33.12 9.54
N SER A 434 17.09 34.10 10.05
CA SER A 434 15.81 34.46 9.43
C SER A 434 16.02 34.81 7.96
N LEU A 435 17.02 35.66 7.67
CA LEU A 435 17.28 36.03 6.27
C LEU A 435 17.52 34.79 5.42
N CYS A 436 18.33 33.86 5.92
CA CYS A 436 18.62 32.64 5.16
C CYS A 436 17.35 31.88 4.86
N LYS A 437 16.51 31.69 5.89
CA LYS A 437 15.30 30.90 5.71
C LYS A 437 14.29 31.63 4.83
N ALA A 438 14.13 32.93 5.05
CA ALA A 438 13.19 33.71 4.26
C ALA A 438 13.53 33.67 2.79
N MET A 439 14.81 33.89 2.47
CA MET A 439 15.22 33.94 1.06
C MET A 439 14.98 32.59 0.39
N TYR A 440 15.29 31.48 1.08
CA TYR A 440 15.04 30.17 0.49
C TYR A 440 13.56 29.93 0.28
N GLU A 441 12.75 30.15 1.32
CA GLU A 441 11.32 29.94 1.17
C GLU A 441 10.74 30.79 0.04
N LYS A 442 11.09 32.07 -0.01
CA LYS A 442 10.50 32.91 -1.06
C LYS A 442 11.05 32.54 -2.43
N LEU A 443 12.29 32.04 -2.50
CA LEU A 443 12.79 31.60 -3.80
C LEU A 443 12.03 30.37 -4.27
N PHE A 444 11.79 29.42 -3.37
CA PHE A 444 10.91 28.28 -3.65
C PHE A 444 9.53 28.77 -4.14
N LEU A 445 8.92 29.72 -3.44
CA LEU A 445 7.60 30.17 -3.87
C LEU A 445 7.66 30.95 -5.16
N TRP A 446 8.74 31.68 -5.41
CA TRP A 446 8.88 32.38 -6.68
C TRP A 446 8.94 31.41 -7.85
N ILE A 447 9.71 30.34 -7.70
CA ILE A 447 9.81 29.36 -8.78
C ILE A 447 8.42 28.82 -9.10
N ILE A 448 7.62 28.57 -8.07
CA ILE A 448 6.26 28.12 -8.31
C ILE A 448 5.43 29.21 -8.96
N ARG A 449 5.57 30.46 -8.50
CA ARG A 449 4.87 31.56 -9.15
C ARG A 449 5.21 31.61 -10.62
N HIS A 450 6.50 31.44 -10.94
CA HIS A 450 6.92 31.50 -12.33
C HIS A 450 6.26 30.41 -13.14
N LEU A 451 6.42 29.16 -12.69
CA LEU A 451 5.76 28.03 -13.30
C LEU A 451 4.30 28.36 -13.58
N ASN A 452 3.56 28.78 -12.55
CA ASN A 452 2.13 29.05 -12.68
C ASN A 452 1.88 30.09 -13.76
N SER A 453 2.78 31.05 -13.90
CA SER A 453 2.62 32.06 -14.93
C SER A 453 2.76 31.48 -16.33
N ARG A 454 3.28 30.27 -16.48
CA ARG A 454 3.39 29.65 -17.80
C ARG A 454 2.27 28.66 -18.09
N ILE A 455 1.67 28.08 -17.05
CA ILE A 455 0.79 26.93 -17.20
C ILE A 455 -0.65 27.21 -16.80
N GLU A 456 -0.93 28.32 -16.12
CA GLU A 456 -2.31 28.53 -15.70
C GLU A 456 -3.16 29.02 -16.88
N PRO A 457 -4.45 28.67 -16.91
CA PRO A 457 -5.34 29.24 -17.93
C PRO A 457 -5.55 30.71 -17.68
N GLU A 458 -5.67 31.48 -18.76
CA GLU A 458 -5.81 32.91 -18.59
C GLU A 458 -7.08 33.26 -17.83
N GLY A 459 -8.18 32.57 -18.08
CA GLY A 459 -9.38 32.92 -17.37
C GLY A 459 -9.63 32.33 -15.99
N GLY A 460 -8.74 31.52 -15.45
CA GLY A 460 -9.12 30.68 -14.33
C GLY A 460 -9.71 29.36 -14.81
N PHE A 461 -10.00 28.48 -13.84
CA PHE A 461 -10.41 27.11 -14.14
C PHE A 461 -11.92 26.99 -14.21
N LYS A 462 -12.44 26.50 -15.33
CA LYS A 462 -13.85 26.11 -15.37
C LYS A 462 -14.06 24.77 -14.65
N THR A 463 -13.45 23.72 -15.17
CA THR A 463 -13.50 22.41 -14.54
C THR A 463 -12.10 21.88 -14.43
N PHE A 464 -11.76 21.30 -13.28
CA PHE A 464 -10.37 20.96 -13.05
C PHE A 464 -10.28 19.63 -12.31
N MET A 465 -9.12 19.02 -12.42
CA MET A 465 -8.79 17.84 -11.64
C MET A 465 -7.80 18.30 -10.59
N GLY A 466 -8.22 18.29 -9.32
CA GLY A 466 -7.31 18.60 -8.25
C GLY A 466 -6.57 17.38 -7.75
N MET A 467 -5.44 17.63 -7.10
CA MET A 467 -4.60 16.58 -6.54
C MET A 467 -4.01 17.18 -5.28
N LEU A 468 -4.06 16.44 -4.18
CA LEU A 468 -3.55 16.90 -2.91
C LEU A 468 -2.67 15.81 -2.35
N ASP A 469 -1.46 16.18 -1.93
CA ASP A 469 -0.42 15.23 -1.49
C ASP A 469 0.05 15.68 -0.10
N ILE A 470 -0.41 15.04 0.98
CA ILE A 470 -0.17 15.57 2.33
C ILE A 470 -0.01 14.45 3.36
N PHE A 471 0.63 14.78 4.49
CA PHE A 471 0.57 13.89 5.63
C PHE A 471 -0.87 13.67 6.04
N GLY A 472 -1.19 12.46 6.49
CA GLY A 472 -2.42 12.22 7.21
C GLY A 472 -2.26 12.69 8.65
N PHE A 473 -3.21 12.29 9.50
CA PHE A 473 -3.06 12.54 10.92
C PHE A 473 -1.69 12.05 11.39
N GLU A 474 -0.93 12.94 12.03
CA GLU A 474 0.32 12.61 12.66
C GLU A 474 0.20 12.54 14.17
N VAL A 475 0.61 11.43 14.77
CA VAL A 475 0.54 11.24 16.23
C VAL A 475 1.86 10.69 16.73
N PHE A 476 2.64 11.54 17.40
CA PHE A 476 3.77 11.12 18.23
C PHE A 476 3.42 11.29 19.71
N LYS A 477 4.34 10.92 20.59
CA LYS A 477 4.17 11.29 22.00
C LYS A 477 4.34 12.80 22.16
N ASN A 478 5.46 13.34 21.65
CA ASN A 478 5.65 14.79 21.60
C ASN A 478 5.12 15.26 20.26
N ASN A 479 4.00 16.00 20.29
CA ASN A 479 3.43 16.66 19.12
C ASN A 479 3.61 18.16 19.27
N SER A 480 3.83 18.85 18.16
CA SER A 480 4.12 20.28 18.24
C SER A 480 3.22 21.08 17.29
N LEU A 481 3.61 22.32 17.05
CA LEU A 481 2.85 23.17 16.15
C LEU A 481 2.69 22.51 14.79
N GLU A 482 3.80 22.04 14.21
CA GLU A 482 3.76 21.41 12.89
C GLU A 482 2.71 20.31 12.80
N GLN A 483 2.60 19.50 13.86
CA GLN A 483 1.57 18.45 13.88
C GLN A 483 0.18 19.02 14.08
N LEU A 484 0.06 20.09 14.86
CA LEU A 484 -1.25 20.71 15.04
C LEU A 484 -1.85 21.12 13.70
N PHE A 485 -1.09 21.88 12.91
CA PHE A 485 -1.60 22.32 11.62
C PHE A 485 -1.95 21.12 10.74
N ILE A 486 -1.06 20.12 10.68
CA ILE A 486 -1.36 18.91 9.92
C ILE A 486 -2.67 18.28 10.40
N ASN A 487 -2.87 18.17 11.71
CA ASN A 487 -4.05 17.46 12.20
C ASN A 487 -5.31 18.29 12.01
N ILE A 488 -5.19 19.61 12.00
CA ILE A 488 -6.34 20.44 11.62
C ILE A 488 -6.69 20.19 10.16
N THR A 489 -5.70 20.23 9.25
CA THR A 489 -5.96 19.93 7.85
C THR A 489 -6.73 18.62 7.69
N ASN A 490 -6.38 17.62 8.46
CA ASN A 490 -7.01 16.32 8.27
C ASN A 490 -8.37 16.21 8.93
N GLU A 491 -8.64 17.03 9.94
CA GLU A 491 -10.01 17.15 10.41
C GLU A 491 -10.89 17.67 9.28
N MET A 492 -10.41 18.69 8.55
CA MET A 492 -11.19 19.26 7.45
C MET A 492 -11.48 18.21 6.39
N LEU A 493 -10.50 17.37 6.10
CA LEU A 493 -10.72 16.34 5.11
C LEU A 493 -11.60 15.23 5.64
N GLN A 494 -11.51 14.92 6.94
CA GLN A 494 -12.45 13.96 7.49
C GLN A 494 -13.88 14.43 7.35
N LYS A 495 -14.15 15.71 7.62
CA LYS A 495 -15.51 16.21 7.45
C LYS A 495 -15.94 16.08 6.00
N ASN A 496 -15.02 16.24 5.07
CA ASN A 496 -15.38 16.10 3.67
C ASN A 496 -15.72 14.64 3.35
N PHE A 497 -14.95 13.72 3.93
CA PHE A 497 -15.20 12.29 3.74
C PHE A 497 -16.57 11.91 4.27
N VAL A 498 -16.85 12.25 5.53
CA VAL A 498 -18.12 11.88 6.13
C VAL A 498 -19.28 12.54 5.39
N ASP A 499 -19.09 13.75 4.90
CA ASP A 499 -20.13 14.42 4.13
C ASP A 499 -20.46 13.66 2.85
N ILE A 500 -19.44 13.35 2.04
CA ILE A 500 -19.72 12.73 0.74
C ILE A 500 -20.35 11.36 0.91
N VAL A 501 -19.89 10.59 1.91
CA VAL A 501 -20.52 9.30 2.17
C VAL A 501 -21.98 9.48 2.55
N PHE A 502 -22.29 10.51 3.35
CA PHE A 502 -23.68 10.75 3.74
C PHE A 502 -24.51 11.29 2.57
N GLU A 503 -24.00 12.29 1.83
CA GLU A 503 -24.76 12.81 0.69
C GLU A 503 -25.08 11.70 -0.31
N ARG A 504 -24.06 10.92 -0.68
CA ARG A 504 -24.28 9.89 -1.70
C ARG A 504 -25.29 8.87 -1.25
N GLU A 505 -25.24 8.47 0.02
CA GLU A 505 -26.18 7.47 0.49
C GLU A 505 -27.57 8.06 0.65
N SER A 506 -27.64 9.26 1.25
CA SER A 506 -28.93 9.92 1.39
C SER A 506 -29.58 10.12 0.02
N LYS A 507 -28.78 10.50 -0.98
CA LYS A 507 -29.29 10.64 -2.33
C LYS A 507 -29.88 9.33 -2.83
N LEU A 508 -29.21 8.22 -2.57
CA LEU A 508 -29.68 6.95 -3.11
C LEU A 508 -31.01 6.53 -2.49
N TYR A 509 -31.12 6.66 -1.17
CA TYR A 509 -32.39 6.32 -0.53
C TYR A 509 -33.52 7.19 -1.05
N LYS A 510 -33.31 8.52 -1.10
CA LYS A 510 -34.35 9.42 -1.63
C LYS A 510 -34.78 8.97 -3.03
N ASP A 511 -33.81 8.79 -3.94
CA ASP A 511 -34.08 8.36 -5.31
C ASP A 511 -34.87 7.06 -5.37
N GLU A 512 -34.75 6.21 -4.36
CA GLU A 512 -35.50 4.96 -4.34
C GLU A 512 -36.72 5.02 -3.46
N GLY A 513 -36.95 6.12 -2.74
CA GLY A 513 -38.11 6.21 -1.88
C GLY A 513 -38.00 5.47 -0.57
N ILE A 514 -36.76 5.23 -0.07
CA ILE A 514 -36.49 4.64 1.24
C ILE A 514 -36.35 5.76 2.27
N SER A 515 -36.94 5.56 3.44
CA SER A 515 -36.82 6.56 4.49
C SER A 515 -35.37 6.68 4.94
N THR A 516 -34.86 7.91 4.93
CA THR A 516 -33.49 8.17 5.39
C THR A 516 -33.42 8.34 6.91
N ALA A 517 -34.56 8.35 7.61
CA ALA A 517 -34.55 8.75 9.01
C ALA A 517 -33.61 7.90 9.86
N GLU A 518 -33.26 6.69 9.44
CA GLU A 518 -32.31 5.90 10.21
C GLU A 518 -30.87 6.05 9.74
N LEU A 519 -30.55 7.06 8.93
CA LEU A 519 -29.18 7.24 8.45
C LEU A 519 -28.29 7.82 9.54
N LYS A 520 -27.00 7.55 9.43
CA LYS A 520 -26.05 7.87 10.48
C LYS A 520 -25.00 8.86 9.98
N TYR A 521 -24.63 9.75 10.87
CA TYR A 521 -23.63 10.77 10.61
C TYR A 521 -22.94 11.06 11.93
N THR A 522 -21.64 10.82 11.99
CA THR A 522 -20.82 11.22 13.14
C THR A 522 -20.12 12.52 12.75
N SER A 523 -20.67 13.64 13.18
CA SER A 523 -20.07 14.92 12.88
C SER A 523 -18.77 15.11 13.66
N ASN A 524 -17.82 15.80 13.02
CA ASN A 524 -16.68 16.34 13.74
C ASN A 524 -16.73 17.85 13.77
N LYS A 525 -17.93 18.43 13.65
CA LYS A 525 -18.05 19.88 13.68
C LYS A 525 -17.53 20.44 15.02
N GLU A 526 -17.70 19.69 16.10
CA GLU A 526 -17.36 20.26 17.40
C GLU A 526 -15.85 20.37 17.60
N VAL A 527 -15.06 19.50 16.98
CA VAL A 527 -13.62 19.59 17.14
C VAL A 527 -13.00 20.56 16.13
N ILE A 528 -13.60 20.73 14.95
CA ILE A 528 -13.12 21.76 14.05
C ILE A 528 -13.29 23.12 14.69
N ASN A 529 -14.43 23.32 15.37
CA ASN A 529 -14.69 24.58 16.06
C ASN A 529 -13.64 24.85 17.14
N VAL A 530 -13.36 23.85 17.97
CA VAL A 530 -12.40 24.04 19.07
C VAL A 530 -11.02 24.37 18.54
N LEU A 531 -10.74 24.04 17.28
CA LEU A 531 -9.46 24.38 16.67
C LEU A 531 -9.48 25.67 15.88
N CYS A 532 -10.63 26.09 15.34
CA CYS A 532 -10.63 27.13 14.30
C CYS A 532 -11.58 28.31 14.52
N GLU A 533 -12.72 28.09 15.17
CA GLU A 533 -13.75 29.11 15.26
C GLU A 533 -13.17 30.41 15.81
N LYS A 534 -13.42 31.53 15.12
CA LYS A 534 -12.81 32.77 15.57
C LYS A 534 -13.30 33.12 16.97
N GLY A 535 -12.36 33.50 17.83
CA GLY A 535 -12.68 33.97 19.17
C GLY A 535 -12.73 32.91 20.24
N LYS A 536 -13.14 31.67 19.91
CA LYS A 536 -13.09 30.56 20.86
C LYS A 536 -12.50 29.35 20.14
N SER A 537 -11.17 29.35 19.96
CA SER A 537 -10.47 28.23 19.36
C SER A 537 -8.99 28.30 19.71
N VAL A 538 -8.33 27.15 19.65
CA VAL A 538 -6.88 27.08 19.85
C VAL A 538 -6.17 28.06 18.92
N LEU A 539 -6.54 28.07 17.65
CA LEU A 539 -5.83 28.91 16.69
C LEU A 539 -6.08 30.39 16.94
N SER A 540 -7.28 30.75 17.41
CA SER A 540 -7.52 32.13 17.83
C SER A 540 -6.58 32.54 18.94
N TYR A 541 -6.47 31.70 19.97
CA TYR A 541 -5.68 32.06 21.15
C TYR A 541 -4.19 31.99 20.86
N LEU A 542 -3.76 31.07 20.00
CA LEU A 542 -2.37 31.11 19.52
C LEU A 542 -2.07 32.44 18.84
N GLU A 543 -2.97 32.87 17.96
CA GLU A 543 -2.83 34.18 17.33
C GLU A 543 -2.75 35.28 18.39
N ASP A 544 -3.79 35.38 19.24
CA ASP A 544 -3.86 36.44 20.26
C ASP A 544 -2.57 36.53 21.06
N GLN A 545 -2.10 35.39 21.59
CA GLN A 545 -0.89 35.38 22.39
C GLN A 545 0.32 35.87 21.61
N CYS A 546 0.45 35.46 20.33
CA CYS A 546 1.58 35.90 19.53
C CYS A 546 1.57 37.42 19.32
N LEU A 547 0.38 37.99 19.14
CA LEU A 547 0.28 39.43 18.91
C LEU A 547 0.63 40.20 20.18
N ALA A 548 0.11 39.77 21.31
CA ALA A 548 0.26 40.55 22.53
C ALA A 548 1.70 40.51 23.02
N PRO A 549 2.29 41.65 23.41
CA PRO A 549 3.63 41.64 23.97
C PRO A 549 3.68 40.92 25.31
N GLY A 550 4.73 40.13 25.52
CA GLY A 550 4.80 39.30 26.71
C GLY A 550 3.96 38.06 26.63
N GLY A 551 3.54 37.65 25.43
CA GLY A 551 2.91 36.37 25.30
C GLY A 551 3.90 35.26 25.60
N THR A 552 3.42 34.23 26.30
CA THR A 552 4.20 33.03 26.50
C THR A 552 3.43 31.82 26.01
N ASP A 553 4.21 30.78 25.68
CA ASP A 553 3.63 29.47 25.42
C ASP A 553 2.65 29.10 26.50
N GLU A 554 3.02 29.35 27.76
CA GLU A 554 2.21 28.89 28.87
C GLU A 554 0.93 29.70 29.00
N LYS A 555 1.00 31.02 28.77
CA LYS A 555 -0.21 31.84 28.81
C LYS A 555 -1.14 31.53 27.63
N PHE A 556 -0.58 31.05 26.52
CA PHE A 556 -1.42 30.51 25.46
C PHE A 556 -2.25 29.35 25.98
N VAL A 557 -1.58 28.32 26.50
CA VAL A 557 -2.30 27.16 27.05
C VAL A 557 -3.35 27.62 28.05
N SER A 558 -2.97 28.52 28.97
CA SER A 558 -3.85 28.87 30.07
C SER A 558 -5.15 29.50 29.58
N SER A 559 -5.07 30.41 28.60
CA SER A 559 -6.29 31.00 28.07
C SER A 559 -7.17 29.94 27.44
N CYS A 560 -6.57 28.96 26.76
CA CYS A 560 -7.33 27.87 26.16
C CYS A 560 -8.12 27.10 27.21
N ALA A 561 -7.45 26.71 28.31
CA ALA A 561 -8.13 25.91 29.32
C ALA A 561 -9.30 26.66 29.95
N THR A 562 -9.19 27.98 30.10
CA THR A 562 -10.29 28.68 30.75
C THR A 562 -11.43 29.02 29.80
N ASN A 563 -11.15 29.15 28.49
CA ASN A 563 -12.14 29.61 27.51
C ASN A 563 -12.82 28.49 26.72
N LEU A 564 -12.24 27.28 26.70
CA LEU A 564 -12.76 26.17 25.91
C LEU A 564 -13.38 25.09 26.79
N LYS A 565 -14.06 25.48 27.87
CA LYS A 565 -14.77 24.50 28.67
C LYS A 565 -16.01 23.95 27.98
N GLU A 566 -16.50 24.66 26.94
CA GLU A 566 -17.84 24.41 26.40
C GLU A 566 -17.94 23.05 25.71
N ASN A 567 -16.90 22.67 24.95
CA ASN A 567 -16.83 21.33 24.38
C ASN A 567 -15.70 20.55 25.05
N ASN A 568 -15.95 19.27 25.27
CA ASN A 568 -14.98 18.31 25.76
C ASN A 568 -13.85 18.05 24.76
N LYS A 569 -13.85 18.70 23.59
CA LYS A 569 -12.81 18.47 22.60
C LYS A 569 -11.45 18.99 23.06
N PHE A 570 -11.43 19.98 23.97
CA PHE A 570 -10.20 20.40 24.63
C PHE A 570 -10.10 19.75 26.00
N THR A 571 -8.92 19.22 26.30
CA THR A 571 -8.68 18.55 27.57
C THR A 571 -7.34 18.95 28.15
N PRO A 572 -7.28 19.62 29.29
CA PRO A 572 -5.97 19.92 29.89
C PRO A 572 -5.25 18.63 30.21
N ALA A 573 -3.94 18.63 29.99
CA ALA A 573 -3.14 17.43 30.22
C ALA A 573 -2.89 17.26 31.72
N LYS A 574 -2.82 15.99 32.15
CA LYS A 574 -2.62 15.71 33.57
C LYS A 574 -1.22 16.12 34.03
N VAL A 575 -0.17 15.63 33.34
CA VAL A 575 1.21 15.91 33.68
C VAL A 575 1.69 17.13 32.89
N ALA A 576 2.25 18.10 33.62
CA ALA A 576 2.64 19.41 33.08
C ALA A 576 1.46 20.09 32.38
N SER A 577 0.51 20.53 33.21
CA SER A 577 -0.72 21.15 32.72
C SER A 577 -0.45 22.53 32.13
N ASN A 578 0.62 23.18 32.58
CA ASN A 578 1.24 24.24 31.79
C ASN A 578 2.05 23.59 30.69
N LYS A 579 1.93 24.13 29.48
CA LYS A 579 2.70 23.71 28.31
C LYS A 579 2.28 22.37 27.69
N ASN A 580 1.30 21.65 28.25
CA ASN A 580 0.79 20.46 27.57
C ASN A 580 -0.74 20.45 27.56
N PHE A 581 -1.33 19.96 26.47
CA PHE A 581 -2.79 19.91 26.32
C PHE A 581 -3.17 18.87 25.28
N ILE A 582 -4.40 18.35 25.40
CA ILE A 582 -4.90 17.24 24.59
C ILE A 582 -6.16 17.67 23.84
N ILE A 583 -6.32 17.18 22.61
CA ILE A 583 -7.47 17.47 21.77
C ILE A 583 -8.12 16.16 21.37
N GLN A 584 -9.44 16.13 21.33
CA GLN A 584 -10.16 14.90 21.00
C GLN A 584 -10.45 14.86 19.50
N HIS A 585 -9.38 14.56 18.74
CA HIS A 585 -9.49 14.44 17.30
C HIS A 585 -10.41 13.27 16.97
N THR A 586 -10.78 13.16 15.69
CA THR A 586 -11.68 12.07 15.28
C THR A 586 -11.06 10.71 15.52
N ILE A 587 -9.73 10.60 15.51
CA ILE A 587 -9.09 9.31 15.59
C ILE A 587 -8.65 8.99 17.00
N GLY A 588 -8.97 9.84 17.98
CA GLY A 588 -8.56 9.65 19.35
C GLY A 588 -7.90 10.88 19.94
N PRO A 589 -7.69 10.88 21.25
CA PRO A 589 -6.97 11.99 21.88
C PRO A 589 -5.54 12.08 21.37
N ILE A 590 -5.12 13.29 21.04
CA ILE A 590 -3.74 13.59 20.64
C ILE A 590 -3.20 14.68 21.56
N GLN A 591 -1.99 14.45 22.09
CA GLN A 591 -1.39 15.35 23.06
C GLN A 591 -0.41 16.29 22.37
N TYR A 592 -0.53 17.58 22.64
CA TYR A 592 0.39 18.58 22.11
C TYR A 592 1.18 19.22 23.23
N CYS A 593 2.40 19.61 22.92
CA CYS A 593 3.26 20.35 23.83
C CYS A 593 3.48 21.76 23.27
N ALA A 594 3.07 22.77 24.01
CA ALA A 594 3.14 24.17 23.58
C ALA A 594 4.54 24.79 23.70
N GLU A 595 5.53 24.03 24.12
CA GLU A 595 6.89 24.54 24.05
C GLU A 595 7.21 25.02 22.65
N SER A 596 7.60 26.28 22.53
CA SER A 596 8.03 26.91 21.28
C SER A 596 6.89 27.12 20.29
N PHE A 597 5.63 26.93 20.68
CA PHE A 597 4.53 27.29 19.78
C PHE A 597 4.68 28.73 19.32
N LEU A 598 4.85 29.66 20.25
CA LEU A 598 5.01 31.06 19.86
C LEU A 598 6.28 31.29 19.05
N LEU A 599 7.34 30.56 19.39
CA LEU A 599 8.57 30.69 18.62
C LEU A 599 8.33 30.32 17.16
N LYS A 600 7.76 29.14 16.93
CA LYS A 600 7.57 28.66 15.57
C LYS A 600 6.48 29.44 14.83
N ASN A 601 5.48 29.94 15.55
CA ASN A 601 4.40 30.61 14.83
C ASN A 601 4.80 31.97 14.34
N LYS A 602 5.67 32.66 15.07
CA LYS A 602 6.16 33.97 14.68
C LYS A 602 7.40 33.90 13.81
N ASP A 603 7.85 32.71 13.46
CA ASP A 603 9.04 32.54 12.63
C ASP A 603 8.77 32.96 11.18
N VAL A 604 8.68 34.27 10.95
CA VAL A 604 8.43 34.87 9.64
C VAL A 604 9.29 36.13 9.53
N LEU A 605 10.03 36.27 8.44
CA LEU A 605 10.81 37.49 8.29
C LEU A 605 9.85 38.66 8.12
N ARG A 606 9.98 39.65 9.00
CA ARG A 606 9.22 40.89 8.90
C ARG A 606 10.19 42.04 9.13
N GLY A 607 9.76 43.23 8.76
CA GLY A 607 10.51 44.40 9.12
C GLY A 607 11.37 44.94 7.99
N ASP A 608 12.42 45.65 8.41
CA ASP A 608 13.21 46.45 7.49
C ASP A 608 14.10 45.60 6.58
N LEU A 609 14.49 44.41 7.04
CA LEU A 609 15.17 43.46 6.15
C LEU A 609 14.36 43.21 4.88
N VAL A 610 13.04 43.04 4.99
CA VAL A 610 12.23 42.84 3.80
C VAL A 610 12.34 44.04 2.87
N GLU A 611 12.43 45.24 3.43
CA GLU A 611 12.46 46.43 2.58
C GLU A 611 13.79 46.54 1.84
N VAL A 612 14.89 46.15 2.49
CA VAL A 612 16.16 46.07 1.77
C VAL A 612 16.07 45.10 0.61
N ILE A 613 15.51 43.91 0.84
CA ILE A 613 15.45 42.91 -0.22
C ILE A 613 14.65 43.44 -1.39
N LYS A 614 13.50 44.05 -1.11
CA LYS A 614 12.64 44.58 -2.16
C LYS A 614 13.36 45.63 -3.00
N ASP A 615 14.36 46.30 -2.42
CA ASP A 615 15.13 47.33 -3.08
C ASP A 615 16.30 46.79 -3.89
N SER A 616 16.41 45.47 -4.05
CA SER A 616 17.52 44.94 -4.82
C SER A 616 17.38 45.34 -6.28
N PRO A 617 18.51 45.58 -6.96
CA PRO A 617 18.43 45.92 -8.39
C PRO A 617 17.96 44.75 -9.25
N ASN A 618 18.10 43.50 -8.77
CA ASN A 618 17.84 42.33 -9.60
C ASN A 618 16.35 42.05 -9.68
N PRO A 619 15.78 41.95 -10.88
CA PRO A 619 14.32 41.84 -11.00
C PRO A 619 13.72 40.61 -10.34
N ILE A 620 14.49 39.54 -10.13
CA ILE A 620 13.94 38.36 -9.46
C ILE A 620 13.94 38.53 -7.95
N VAL A 621 15.05 39.02 -7.38
CA VAL A 621 15.07 39.28 -5.95
C VAL A 621 14.02 40.33 -5.58
N GLN A 622 13.74 41.26 -6.50
CA GLN A 622 12.68 42.24 -6.25
C GLN A 622 11.34 41.57 -6.02
N GLN A 623 11.07 40.46 -6.73
CA GLN A 623 9.76 39.82 -6.68
C GLN A 623 9.65 38.77 -5.58
N LEU A 624 10.73 38.47 -4.88
CA LEU A 624 10.68 37.46 -3.82
C LEU A 624 9.67 37.83 -2.75
N PHE A 625 9.64 39.11 -2.36
CA PHE A 625 8.75 39.63 -1.34
C PHE A 625 7.79 40.69 -1.89
N GLU A 626 7.52 40.66 -3.20
CA GLU A 626 6.61 41.60 -3.84
C GLU A 626 5.41 41.90 -2.95
N GLY A 627 5.13 43.19 -2.76
CA GLY A 627 3.91 43.64 -2.07
C GLY A 627 3.66 43.04 -0.69
N GLN A 628 4.71 42.90 0.13
CA GLN A 628 4.54 42.46 1.50
C GLN A 628 4.40 43.68 2.41
N VAL A 629 3.35 43.68 3.24
CA VAL A 629 3.03 44.84 4.07
C VAL A 629 4.20 45.26 4.95
N ILE A 630 4.35 46.57 5.12
CA ILE A 630 5.40 47.15 5.96
C ILE A 630 4.92 47.12 7.42
N GLU A 631 5.69 46.47 8.28
CA GLU A 631 5.30 46.29 9.69
C GLU A 631 6.10 47.26 10.57
N LYS A 632 5.71 48.53 10.49
CA LYS A 632 6.46 49.59 11.17
C LYS A 632 6.27 49.50 12.67
N GLY A 633 5.06 49.25 13.12
CA GLY A 633 4.75 49.13 14.54
C GLY A 633 4.28 47.73 14.86
N LYS A 634 4.72 47.23 16.01
CA LYS A 634 4.15 46.02 16.62
C LYS A 634 4.30 44.85 15.63
N ILE A 635 3.32 43.97 15.57
CA ILE A 635 3.38 42.79 14.71
C ILE A 635 1.93 42.41 14.42
N ALA A 636 1.68 41.96 13.20
CA ALA A 636 0.32 41.77 12.73
C ALA A 636 0.11 40.33 12.27
N LYS A 637 -1.16 39.91 12.28
CA LYS A 637 -1.48 38.54 11.89
C LYS A 637 -0.96 38.20 10.50
N GLY A 638 -0.77 39.20 9.64
CA GLY A 638 -0.27 38.97 8.30
C GLY A 638 1.08 38.27 8.24
N SER A 639 1.83 38.26 9.34
CA SER A 639 3.14 37.61 9.35
C SER A 639 3.23 36.55 10.45
N LEU A 640 2.11 35.89 10.74
CA LEU A 640 2.07 34.71 11.59
C LEU A 640 1.78 33.48 10.74
N ILE A 641 2.54 32.41 10.95
CA ILE A 641 2.35 31.21 10.15
C ILE A 641 0.93 30.69 10.30
N GLY A 642 0.45 30.55 11.53
CA GLY A 642 -0.87 29.99 11.73
C GLY A 642 -1.98 30.82 11.12
N SER A 643 -1.85 32.16 11.17
CA SER A 643 -2.92 33.01 10.66
C SER A 643 -2.99 32.95 9.14
N GLN A 644 -1.84 33.06 8.47
CA GLN A 644 -1.78 32.87 7.03
C GLN A 644 -2.22 31.47 6.65
N PHE A 645 -1.68 30.45 7.33
CA PHE A 645 -2.03 29.10 6.94
C PHE A 645 -3.54 28.85 7.00
N LEU A 646 -4.20 29.36 8.03
CA LEU A 646 -5.63 29.09 8.11
C LEU A 646 -6.40 29.70 6.94
N ASN A 647 -6.00 30.89 6.46
CA ASN A 647 -6.63 31.43 5.26
C ASN A 647 -6.37 30.54 4.05
N GLN A 648 -5.13 30.06 3.90
CA GLN A 648 -4.80 29.12 2.84
C GLN A 648 -5.67 27.88 2.92
N LEU A 649 -5.78 27.30 4.12
CA LEU A 649 -6.57 26.09 4.29
C LEU A 649 -8.04 26.34 3.94
N THR A 650 -8.61 27.42 4.45
CA THR A 650 -10.01 27.72 4.16
C THR A 650 -10.22 27.86 2.66
N SER A 651 -9.38 28.67 2.02
CA SER A 651 -9.46 28.80 0.57
C SER A 651 -9.35 27.42 -0.08
N LEU A 652 -8.37 26.62 0.35
CA LEU A 652 -8.19 25.29 -0.25
C LEU A 652 -9.40 24.39 -0.01
N MET A 653 -10.02 24.48 1.16
CA MET A 653 -11.11 23.55 1.43
C MET A 653 -12.37 23.94 0.66
N ASN A 654 -12.63 25.25 0.49
CA ASN A 654 -13.75 25.67 -0.32
C ASN A 654 -13.64 25.11 -1.72
N LEU A 655 -12.42 25.15 -2.28
CA LEU A 655 -12.17 24.60 -3.59
C LEU A 655 -12.45 23.10 -3.61
N ILE A 656 -11.93 22.36 -2.64
CA ILE A 656 -12.08 20.90 -2.66
C ILE A 656 -13.55 20.53 -2.46
N ASN A 657 -14.20 21.14 -1.48
CA ASN A 657 -15.61 20.84 -1.20
C ASN A 657 -16.49 21.04 -2.42
N SER A 658 -16.09 21.90 -3.35
CA SER A 658 -16.80 22.06 -4.61
C SER A 658 -16.54 20.94 -5.62
N THR A 659 -15.74 19.92 -5.26
CA THR A 659 -15.38 18.86 -6.20
C THR A 659 -15.84 17.51 -5.68
N GLU A 660 -15.87 16.52 -6.56
CA GLU A 660 -16.06 15.13 -6.15
C GLU A 660 -14.74 14.57 -5.66
N PRO A 661 -14.65 14.08 -4.41
CA PRO A 661 -13.35 13.64 -3.90
C PRO A 661 -13.05 12.17 -4.20
N HIS A 662 -11.75 11.89 -4.23
CA HIS A 662 -11.23 10.53 -4.31
C HIS A 662 -10.10 10.45 -3.29
N PHE A 663 -10.12 9.40 -2.47
CA PHE A 663 -9.24 9.30 -1.31
C PHE A 663 -8.29 8.14 -1.53
N ILE A 664 -7.03 8.44 -1.75
CA ILE A 664 -5.98 7.43 -1.75
C ILE A 664 -5.28 7.48 -0.40
N ARG A 665 -5.42 6.39 0.36
CA ARG A 665 -4.91 6.25 1.72
C ARG A 665 -3.67 5.34 1.64
N CYS A 666 -2.50 5.90 1.88
CA CYS A 666 -1.25 5.20 1.67
C CYS A 666 -0.74 4.60 2.97
N ILE A 667 -0.13 3.42 2.90
CA ILE A 667 0.31 2.67 4.07
C ILE A 667 1.77 2.23 3.90
N LYS A 668 2.59 2.45 4.93
CA LYS A 668 3.96 1.98 4.94
C LYS A 668 4.00 0.69 5.76
N PRO A 669 4.35 -0.46 5.18
CA PRO A 669 4.18 -1.74 5.91
C PRO A 669 5.27 -2.05 6.91
N ASN A 670 6.41 -1.38 6.85
CA ASN A 670 7.49 -1.63 7.81
C ASN A 670 8.37 -0.39 7.81
N GLU A 671 9.25 -0.32 8.79
CA GLU A 671 10.09 0.86 8.97
C GLU A 671 11.48 0.66 8.40
N ASN A 672 11.69 -0.39 7.61
CA ASN A 672 13.01 -0.78 7.15
C ASN A 672 13.19 -0.56 5.66
N LYS A 673 12.22 0.07 5.00
CA LYS A 673 12.29 0.30 3.56
C LYS A 673 12.55 -1.00 2.81
N LYS A 674 11.93 -2.09 3.25
CA LYS A 674 12.20 -3.36 2.61
C LYS A 674 10.94 -3.94 1.98
N PRO A 675 11.07 -4.64 0.86
CA PRO A 675 9.91 -5.28 0.24
C PRO A 675 9.55 -6.59 0.95
N LEU A 676 8.28 -6.97 0.83
CA LEU A 676 7.79 -8.23 1.38
C LEU A 676 8.06 -8.36 2.88
N GLU A 677 7.90 -7.28 3.62
CA GLU A 677 8.04 -7.28 5.08
C GLU A 677 6.81 -6.61 5.67
N TRP A 678 6.09 -7.34 6.54
CA TRP A 678 4.76 -6.98 7.03
C TRP A 678 4.80 -6.81 8.53
N CYS A 679 4.67 -5.58 9.02
CA CYS A 679 4.63 -5.29 10.47
C CYS A 679 3.19 -4.98 10.92
N GLU A 680 2.51 -5.96 11.51
CA GLU A 680 1.08 -5.80 11.79
C GLU A 680 0.76 -4.66 12.75
N PRO A 681 1.41 -4.50 13.91
CA PRO A 681 1.01 -3.41 14.80
C PRO A 681 1.12 -2.04 14.17
N LYS A 682 2.09 -1.83 13.27
CA LYS A 682 2.24 -0.52 12.63
C LYS A 682 1.23 -0.35 11.53
N ILE A 683 0.96 -1.42 10.79
CA ILE A 683 -0.09 -1.36 9.78
C ILE A 683 -1.44 -1.13 10.45
N LEU A 684 -1.70 -1.83 11.57
CA LEU A 684 -3.00 -1.67 12.23
C LEU A 684 -3.17 -0.24 12.69
N ILE A 685 -2.13 0.35 13.27
CA ILE A 685 -2.21 1.75 13.67
C ILE A 685 -2.62 2.62 12.48
N GLN A 686 -2.07 2.34 11.30
CA GLN A 686 -2.43 3.16 10.15
C GLN A 686 -3.82 2.84 9.62
N LEU A 687 -4.24 1.57 9.65
CA LEU A 687 -5.63 1.30 9.28
C LEU A 687 -6.58 2.14 10.10
N HIS A 688 -6.21 2.45 11.34
CA HIS A 688 -7.07 3.27 12.19
C HIS A 688 -6.94 4.75 11.84
N ALA A 689 -5.72 5.25 11.69
CA ALA A 689 -5.58 6.67 11.47
C ALA A 689 -6.12 7.09 10.11
N LEU A 690 -6.17 6.17 9.14
CA LEU A 690 -6.70 6.47 7.81
C LEU A 690 -8.22 6.18 7.70
N SER A 691 -8.89 5.93 8.82
CA SER A 691 -10.32 5.65 8.82
C SER A 691 -10.70 4.54 7.86
N ILE A 692 -9.77 3.62 7.61
CA ILE A 692 -10.12 2.48 6.78
C ILE A 692 -11.11 1.58 7.49
N LEU A 693 -10.82 1.24 8.74
CA LEU A 693 -11.73 0.37 9.48
C LEU A 693 -13.08 1.04 9.66
N GLU A 694 -13.08 2.35 9.88
CA GLU A 694 -14.36 3.06 9.96
C GLU A 694 -15.07 3.03 8.62
N ALA A 695 -14.34 3.02 7.52
CA ALA A 695 -15.01 3.03 6.23
C ALA A 695 -15.82 1.77 6.03
N LEU A 696 -15.28 0.64 6.46
CA LEU A 696 -16.02 -0.62 6.41
C LEU A 696 -17.29 -0.53 7.23
N VAL A 697 -17.15 -0.12 8.49
CA VAL A 697 -18.30 0.04 9.37
C VAL A 697 -19.33 0.98 8.75
N LEU A 698 -18.89 2.16 8.33
CA LEU A 698 -19.79 3.14 7.71
C LEU A 698 -20.64 2.54 6.61
N ARG A 699 -20.02 1.77 5.71
CA ARG A 699 -20.77 1.30 4.55
C ARG A 699 -21.74 0.20 4.91
N GLN A 700 -21.45 -0.56 5.98
CA GLN A 700 -22.28 -1.71 6.37
C GLN A 700 -23.59 -1.32 7.07
N LEU A 701 -23.67 -0.11 7.63
CA LEU A 701 -24.86 0.36 8.34
C LEU A 701 -26.11 0.43 7.45
N GLY A 702 -27.26 0.35 8.11
CA GLY A 702 -28.55 0.47 7.46
C GLY A 702 -28.75 -0.57 6.37
N TYR A 703 -29.55 -0.20 5.36
CA TYR A 703 -29.85 -1.08 4.23
C TYR A 703 -28.67 -1.01 3.24
N SER A 704 -27.55 -1.58 3.66
CA SER A 704 -26.30 -1.47 2.90
C SER A 704 -26.28 -2.36 1.66
N TYR A 705 -27.22 -3.30 1.53
CA TYR A 705 -27.25 -4.28 0.45
C TYR A 705 -28.37 -3.95 -0.54
N ARG A 706 -28.01 -3.61 -1.77
CA ARG A 706 -28.96 -3.24 -2.82
C ARG A 706 -28.75 -4.09 -4.07
N ARG A 707 -29.84 -4.53 -4.69
CA ARG A 707 -29.81 -5.29 -5.93
C ARG A 707 -31.07 -4.95 -6.71
N THR A 708 -30.93 -4.74 -8.01
CA THR A 708 -32.13 -4.50 -8.79
C THR A 708 -33.00 -5.76 -8.77
N PHE A 709 -34.27 -5.59 -9.16
CA PHE A 709 -35.23 -6.69 -9.00
C PHE A 709 -34.76 -7.96 -9.70
N GLU A 710 -34.14 -7.83 -10.88
CA GLU A 710 -33.71 -9.03 -11.59
C GLU A 710 -32.35 -9.54 -11.13
N GLU A 711 -31.54 -8.70 -10.47
CA GLU A 711 -30.37 -9.22 -9.76
C GLU A 711 -30.79 -10.00 -8.52
N PHE A 712 -31.72 -9.46 -7.74
CA PHE A 712 -32.25 -10.18 -6.60
C PHE A 712 -32.82 -11.53 -7.02
N LEU A 713 -33.53 -11.55 -8.15
CA LEU A 713 -34.13 -12.81 -8.59
C LEU A 713 -33.07 -13.78 -9.09
N TYR A 714 -32.10 -13.31 -9.86
CA TYR A 714 -31.01 -14.19 -10.29
C TYR A 714 -30.27 -14.74 -9.07
N GLN A 715 -30.04 -13.90 -8.07
CA GLN A 715 -29.22 -14.27 -6.91
C GLN A 715 -29.93 -15.21 -5.95
N TYR A 716 -31.23 -15.01 -5.72
CA TYR A 716 -31.93 -15.63 -4.61
C TYR A 716 -33.09 -16.49 -5.06
N LYS A 717 -33.05 -16.95 -6.31
CA LYS A 717 -34.20 -17.61 -6.92
C LYS A 717 -34.69 -18.78 -6.05
N PHE A 718 -33.76 -19.56 -5.50
CA PHE A 718 -34.13 -20.80 -4.82
C PHE A 718 -34.56 -20.60 -3.37
N VAL A 719 -34.62 -19.35 -2.88
CA VAL A 719 -35.24 -19.10 -1.59
C VAL A 719 -36.68 -19.62 -1.60
N ASP A 720 -37.41 -19.33 -2.68
CA ASP A 720 -38.70 -19.95 -2.94
C ASP A 720 -38.83 -20.06 -4.46
N ILE A 721 -38.29 -21.16 -5.01
CA ILE A 721 -38.22 -21.32 -6.46
C ILE A 721 -39.60 -21.20 -7.08
N ALA A 722 -40.64 -21.60 -6.35
CA ALA A 722 -42.02 -21.36 -6.78
C ALA A 722 -42.24 -19.87 -7.02
N ALA A 723 -42.09 -19.07 -5.96
CA ALA A 723 -42.37 -17.64 -6.06
C ALA A 723 -41.56 -16.99 -7.17
N ALA A 724 -40.33 -17.46 -7.40
CA ALA A 724 -39.44 -16.75 -8.32
C ALA A 724 -39.75 -17.01 -9.79
N GLU A 725 -40.33 -18.17 -10.11
CA GLU A 725 -40.66 -18.57 -11.49
C GLU A 725 -42.16 -18.52 -11.75
N ASP A 726 -42.85 -17.55 -11.17
CA ASP A 726 -44.28 -17.36 -11.41
C ASP A 726 -44.46 -16.40 -12.58
N SER A 727 -44.95 -16.93 -13.71
CA SER A 727 -44.99 -16.17 -14.95
C SER A 727 -46.02 -15.05 -14.94
N SER A 728 -46.91 -15.03 -13.94
CA SER A 728 -47.98 -14.05 -13.86
C SER A 728 -47.72 -12.95 -12.84
N VAL A 729 -46.46 -12.71 -12.47
CA VAL A 729 -46.12 -11.73 -11.45
C VAL A 729 -44.99 -10.85 -11.95
N GLU A 730 -45.17 -9.53 -11.87
CA GLU A 730 -44.13 -8.57 -12.24
C GLU A 730 -42.89 -8.78 -11.36
N ASN A 731 -41.74 -8.36 -11.88
CA ASN A 731 -40.50 -8.68 -11.18
C ASN A 731 -40.47 -8.09 -9.76
N GLN A 732 -41.07 -6.91 -9.58
CA GLN A 732 -41.12 -6.30 -8.25
C GLN A 732 -41.96 -7.12 -7.28
N ASN A 733 -43.16 -7.53 -7.71
CA ASN A 733 -44.01 -8.30 -6.81
C ASN A 733 -43.47 -9.70 -6.57
N LYS A 734 -42.59 -10.20 -7.44
CA LYS A 734 -41.97 -11.50 -7.19
C LYS A 734 -41.03 -11.39 -5.99
N CYS A 735 -40.34 -10.26 -5.88
CA CYS A 735 -39.44 -10.02 -4.76
C CYS A 735 -40.20 -9.90 -3.46
N VAL A 736 -41.28 -9.09 -3.44
CA VAL A 736 -42.11 -9.02 -2.25
C VAL A 736 -42.57 -10.40 -1.80
N ASN A 737 -43.01 -11.23 -2.76
CA ASN A 737 -43.47 -12.58 -2.43
C ASN A 737 -42.36 -13.41 -1.82
N ILE A 738 -41.16 -13.35 -2.41
CA ILE A 738 -40.03 -14.14 -1.93
C ILE A 738 -39.65 -13.72 -0.53
N LEU A 739 -39.61 -12.41 -0.28
CA LEU A 739 -39.24 -11.93 1.05
C LEU A 739 -40.34 -12.21 2.06
N LYS A 740 -41.60 -12.05 1.66
CA LYS A 740 -42.70 -12.31 2.59
C LYS A 740 -42.65 -13.74 3.12
N LEU A 741 -42.25 -14.70 2.27
CA LEU A 741 -42.22 -16.10 2.66
C LEU A 741 -40.83 -16.59 3.02
N SER A 742 -39.85 -15.69 3.12
CA SER A 742 -38.51 -16.14 3.42
C SER A 742 -38.35 -16.39 4.91
N GLY A 743 -39.02 -15.60 5.74
CA GLY A 743 -38.85 -15.63 7.17
C GLY A 743 -38.26 -14.36 7.73
N LEU A 744 -37.75 -13.46 6.87
CA LEU A 744 -37.15 -12.22 7.31
C LEU A 744 -38.19 -11.30 7.95
N SER A 745 -37.76 -10.58 8.98
CA SER A 745 -38.64 -9.58 9.56
C SER A 745 -38.71 -8.38 8.62
N GLU A 746 -39.82 -7.65 8.73
CA GLU A 746 -40.00 -6.44 7.92
C GLU A 746 -38.89 -5.44 8.17
N SER A 747 -38.37 -5.38 9.40
CA SER A 747 -37.32 -4.43 9.73
C SER A 747 -36.04 -4.67 8.95
N MET A 748 -35.98 -5.74 8.17
CA MET A 748 -34.73 -6.23 7.61
C MET A 748 -34.64 -6.01 6.10
N TYR A 749 -35.70 -5.51 5.47
CA TYR A 749 -35.70 -5.23 4.05
C TYR A 749 -36.69 -4.12 3.77
N LYS A 750 -36.43 -3.41 2.68
CA LYS A 750 -37.39 -2.45 2.13
C LYS A 750 -37.34 -2.57 0.61
N ILE A 751 -38.50 -2.40 -0.03
CA ILE A 751 -38.62 -2.48 -1.48
C ILE A 751 -38.60 -1.07 -2.03
N GLY A 752 -37.56 -0.76 -2.79
CA GLY A 752 -37.44 0.54 -3.42
C GLY A 752 -38.18 0.60 -4.74
N LYS A 753 -38.00 1.75 -5.42
CA LYS A 753 -38.59 1.96 -6.74
C LYS A 753 -38.06 0.94 -7.76
N SER A 754 -36.79 0.55 -7.63
CA SER A 754 -36.18 -0.36 -8.58
C SER A 754 -35.31 -1.43 -7.94
N MET A 755 -34.91 -1.27 -6.67
CA MET A 755 -34.05 -2.21 -5.99
C MET A 755 -34.70 -2.79 -4.76
N VAL A 756 -34.21 -3.95 -4.35
CA VAL A 756 -34.42 -4.48 -3.01
C VAL A 756 -33.33 -3.89 -2.10
N PHE A 757 -33.75 -3.31 -0.99
CA PHE A 757 -32.81 -2.87 0.04
C PHE A 757 -32.79 -3.88 1.18
N LEU A 758 -31.61 -4.36 1.53
CA LEU A 758 -31.44 -5.34 2.59
C LEU A 758 -30.44 -4.82 3.60
N LYS A 759 -30.76 -4.95 4.89
CA LYS A 759 -29.73 -4.84 5.91
C LYS A 759 -28.73 -5.96 5.69
N GLN A 760 -27.46 -5.69 6.03
CA GLN A 760 -26.43 -6.69 5.82
C GLN A 760 -26.79 -8.01 6.46
N GLU A 761 -27.37 -7.96 7.66
CA GLU A 761 -27.68 -9.20 8.36
C GLU A 761 -28.77 -9.97 7.63
N GLY A 762 -29.77 -9.27 7.07
CA GLY A 762 -30.80 -9.97 6.32
C GLY A 762 -30.29 -10.64 5.06
N ALA A 763 -29.26 -10.06 4.42
CA ALA A 763 -28.70 -10.68 3.23
C ALA A 763 -28.01 -12.00 3.58
N LYS A 764 -27.27 -12.04 4.69
CA LYS A 764 -26.63 -13.29 5.11
C LYS A 764 -27.68 -14.34 5.47
N ILE A 765 -28.77 -13.92 6.11
CA ILE A 765 -29.84 -14.86 6.45
C ILE A 765 -30.49 -15.39 5.18
N LEU A 766 -30.79 -14.49 4.24
CA LEU A 766 -31.35 -14.93 2.96
C LEU A 766 -30.40 -15.89 2.25
N THR A 767 -29.10 -15.63 2.31
CA THR A 767 -28.12 -16.55 1.73
C THR A 767 -28.17 -17.91 2.41
N LYS A 768 -28.23 -17.93 3.74
CA LYS A 768 -28.33 -19.19 4.46
C LYS A 768 -29.62 -19.93 4.13
N ILE A 769 -30.72 -19.18 3.97
CA ILE A 769 -32.01 -19.80 3.66
C ILE A 769 -31.96 -20.51 2.32
N GLN A 770 -31.39 -19.84 1.32
CA GLN A 770 -31.28 -20.45 -0.01
C GLN A 770 -30.44 -21.70 0.03
N ARG A 771 -29.42 -21.72 0.88
CA ARG A 771 -28.55 -22.89 0.96
C ARG A 771 -29.25 -24.08 1.61
N GLU A 772 -30.15 -23.85 2.58
CA GLU A 772 -30.89 -24.98 3.14
C GLU A 772 -31.87 -25.53 2.13
N LYS A 773 -32.44 -24.68 1.29
CA LYS A 773 -33.33 -25.18 0.25
C LYS A 773 -32.57 -25.97 -0.82
N LEU A 774 -31.24 -25.94 -0.80
CA LEU A 774 -30.42 -26.60 -1.81
C LEU A 774 -29.53 -27.70 -1.23
N VAL A 775 -29.90 -28.26 -0.07
CA VAL A 775 -29.04 -29.23 0.62
C VAL A 775 -28.70 -30.41 -0.29
N GLU A 776 -29.66 -30.84 -1.13
CA GLU A 776 -29.43 -31.99 -2.01
C GLU A 776 -28.24 -31.82 -2.95
N TRP A 777 -27.90 -30.59 -3.30
CA TRP A 777 -26.77 -30.34 -4.21
C TRP A 777 -25.44 -30.18 -3.48
N GLU A 778 -25.42 -30.19 -2.15
CA GLU A 778 -24.20 -29.86 -1.41
C GLU A 778 -23.06 -30.82 -1.75
N ASN A 779 -23.37 -32.12 -1.82
CA ASN A 779 -22.37 -33.12 -2.16
C ASN A 779 -21.84 -32.92 -3.57
N CYS A 780 -22.76 -32.75 -4.52
CA CYS A 780 -22.39 -32.62 -5.93
C CYS A 780 -21.56 -31.37 -6.17
N VAL A 781 -21.85 -30.29 -5.48
CA VAL A 781 -21.13 -29.05 -5.72
C VAL A 781 -19.73 -29.12 -5.09
N SER A 782 -19.63 -29.77 -3.92
CA SER A 782 -18.34 -29.95 -3.26
C SER A 782 -17.36 -30.69 -4.14
N VAL A 783 -17.83 -31.76 -4.80
CA VAL A 783 -16.94 -32.62 -5.57
C VAL A 783 -16.52 -31.96 -6.89
N ILE A 784 -17.49 -31.37 -7.63
CA ILE A 784 -17.16 -30.59 -8.83
C ILE A 784 -16.10 -29.55 -8.51
N GLU A 785 -16.37 -28.71 -7.51
CA GLU A 785 -15.42 -27.68 -7.13
C GLU A 785 -14.07 -28.27 -6.76
N ALA A 786 -14.07 -29.27 -5.87
CA ALA A 786 -12.80 -29.81 -5.39
C ALA A 786 -12.01 -30.43 -6.53
N ALA A 787 -12.69 -31.15 -7.44
CA ALA A 787 -11.98 -31.75 -8.55
C ALA A 787 -11.36 -30.69 -9.43
N ILE A 788 -12.11 -29.62 -9.70
CA ILE A 788 -11.59 -28.52 -10.52
C ILE A 788 -10.44 -27.80 -9.82
N LEU A 789 -10.57 -27.55 -8.51
CA LEU A 789 -9.48 -26.94 -7.75
C LEU A 789 -8.20 -27.76 -7.82
N LYS A 790 -8.29 -29.08 -7.76
CA LYS A 790 -7.10 -29.91 -7.90
C LYS A 790 -6.40 -29.64 -9.21
N HIS A 791 -7.18 -29.62 -10.30
CA HIS A 791 -6.64 -29.35 -11.62
C HIS A 791 -6.05 -27.94 -11.68
N LYS A 792 -6.76 -26.97 -11.08
CA LYS A 792 -6.26 -25.60 -11.05
C LYS A 792 -4.91 -25.52 -10.35
N TYR A 793 -4.69 -26.36 -9.32
CA TYR A 793 -3.43 -26.34 -8.58
C TYR A 793 -2.33 -27.03 -9.38
N LYS A 794 -2.67 -28.11 -10.10
CA LYS A 794 -1.67 -28.81 -10.90
C LYS A 794 -1.21 -27.95 -12.07
N GLN A 795 -2.07 -27.06 -12.58
CA GLN A 795 -1.62 -26.18 -13.64
C GLN A 795 -0.59 -25.18 -13.12
N LYS A 796 -0.81 -24.64 -11.93
CA LYS A 796 0.17 -23.71 -11.38
C LYS A 796 1.50 -24.39 -11.17
N VAL A 797 1.48 -25.69 -10.88
CA VAL A 797 2.73 -26.43 -10.74
C VAL A 797 3.38 -26.65 -12.10
N ASN A 798 2.59 -26.99 -13.12
CA ASN A 798 3.16 -27.23 -14.44
C ASN A 798 3.89 -26.00 -14.97
N LYS A 799 3.48 -24.80 -14.56
CA LYS A 799 4.17 -23.60 -15.00
C LYS A 799 5.62 -23.60 -14.54
N ASN A 800 5.87 -24.07 -13.32
CA ASN A 800 7.19 -24.02 -12.73
C ASN A 800 7.98 -25.31 -12.90
N ILE A 801 7.49 -26.24 -13.71
CA ILE A 801 8.26 -27.46 -13.93
C ILE A 801 9.53 -27.17 -14.72
N PRO A 802 9.50 -26.33 -15.76
CA PRO A 802 10.78 -26.01 -16.42
C PRO A 802 11.82 -25.49 -15.44
N SER A 803 11.40 -24.65 -14.49
CA SER A 803 12.29 -24.26 -13.40
C SER A 803 12.78 -25.48 -12.63
N LEU A 804 11.84 -26.34 -12.20
CA LEU A 804 12.21 -27.47 -11.36
C LEU A 804 13.18 -28.40 -12.06
N LEU A 805 13.04 -28.57 -13.38
CA LEU A 805 13.98 -29.40 -14.11
C LEU A 805 15.42 -28.93 -13.91
N ARG A 806 15.64 -27.61 -13.80
CA ARG A 806 17.01 -27.11 -13.66
C ARG A 806 17.58 -27.43 -12.29
N VAL A 807 16.78 -27.21 -11.24
CA VAL A 807 17.18 -27.59 -9.89
C VAL A 807 17.67 -29.03 -9.88
N GLN A 808 16.84 -29.93 -10.44
CA GLN A 808 17.19 -31.35 -10.43
C GLN A 808 18.40 -31.64 -11.30
N ALA A 809 18.57 -30.87 -12.39
CA ALA A 809 19.69 -31.10 -13.29
C ALA A 809 21.01 -30.80 -12.61
N HIS A 810 21.08 -29.69 -11.86
CA HIS A 810 22.32 -29.37 -11.15
C HIS A 810 22.54 -30.31 -9.98
N ILE A 811 21.45 -30.77 -9.34
CA ILE A 811 21.58 -31.75 -8.27
C ILE A 811 22.32 -32.98 -8.78
N ARG A 812 21.94 -33.49 -9.95
CA ARG A 812 22.62 -34.66 -10.49
C ARG A 812 24.02 -34.32 -10.99
N LYS A 813 24.26 -33.07 -11.39
CA LYS A 813 25.64 -32.68 -11.71
C LYS A 813 26.53 -32.74 -10.48
N LYS A 814 25.99 -32.33 -9.32
CA LYS A 814 26.77 -32.38 -8.08
C LYS A 814 26.96 -33.79 -7.55
N MET A 815 26.02 -34.70 -7.79
CA MET A 815 26.28 -36.09 -7.40
C MET A 815 27.45 -36.66 -8.17
N VAL A 816 27.67 -36.19 -9.40
CA VAL A 816 28.81 -36.66 -10.18
C VAL A 816 30.12 -36.18 -9.54
N ALA A 817 30.10 -34.99 -8.92
CA ALA A 817 31.27 -34.47 -8.21
C ALA A 817 31.84 -35.45 -7.17
N GLN A 818 31.02 -36.37 -6.66
CA GLN A 818 31.47 -37.37 -5.69
C GLN A 818 32.17 -38.54 -6.39
N GLU B 74 38.92 -27.45 -23.93
CA GLU B 74 38.51 -28.31 -25.04
C GLU B 74 39.17 -29.67 -24.94
N SER B 75 40.29 -29.76 -24.23
CA SER B 75 40.92 -31.07 -24.06
C SER B 75 40.09 -31.96 -23.16
N ASP B 76 39.64 -31.41 -22.02
CA ASP B 76 38.71 -32.11 -21.14
C ASP B 76 37.61 -32.82 -21.93
N VAL B 77 36.87 -32.05 -22.72
CA VAL B 77 35.88 -32.52 -23.67
C VAL B 77 36.39 -33.75 -24.42
N ARG B 78 37.51 -33.59 -25.13
CA ARG B 78 38.00 -34.70 -25.96
C ARG B 78 38.55 -35.84 -25.11
N ILE B 79 39.06 -35.55 -23.91
CA ILE B 79 39.49 -36.65 -23.03
C ILE B 79 38.29 -37.48 -22.62
N TYR B 80 37.27 -36.83 -22.03
CA TYR B 80 36.12 -37.55 -21.48
C TYR B 80 35.40 -38.38 -22.53
N PHE B 81 35.38 -37.90 -23.79
CA PHE B 81 34.81 -38.68 -24.90
C PHE B 81 35.52 -40.03 -25.02
N ASN B 82 36.85 -40.02 -24.99
CA ASN B 82 37.60 -41.24 -25.24
C ASN B 82 37.47 -42.26 -24.12
N GLU B 83 37.17 -41.83 -22.89
CA GLU B 83 36.94 -42.79 -21.81
C GLU B 83 35.76 -43.70 -22.11
N LYS B 84 34.69 -43.17 -22.70
CA LYS B 84 33.43 -43.88 -22.84
C LYS B 84 32.99 -44.02 -24.30
N SER B 85 33.82 -43.62 -25.26
CA SER B 85 33.52 -43.86 -26.66
C SER B 85 33.61 -45.35 -26.99
N SER B 86 32.81 -45.77 -27.97
CA SER B 86 32.76 -47.14 -28.43
C SER B 86 32.41 -47.08 -29.91
N GLY B 87 33.22 -47.74 -30.74
CA GLY B 87 33.08 -47.64 -32.18
C GLY B 87 33.04 -46.20 -32.67
N GLY B 88 33.71 -45.30 -31.95
CA GLY B 88 33.75 -43.91 -32.34
C GLY B 88 32.51 -43.09 -32.01
N LYS B 89 31.47 -43.70 -31.43
CA LYS B 89 30.28 -42.99 -30.99
C LYS B 89 30.11 -43.16 -29.48
N ILE B 90 29.46 -42.19 -28.83
CA ILE B 90 29.23 -42.22 -27.39
C ILE B 90 27.73 -42.19 -27.11
N SER B 91 27.32 -42.96 -26.10
CA SER B 91 25.90 -43.06 -25.79
C SER B 91 25.41 -41.77 -25.14
N ILE B 92 24.10 -41.58 -25.18
CA ILE B 92 23.51 -40.36 -24.62
C ILE B 92 23.68 -40.35 -23.11
N ASP B 93 23.60 -41.52 -22.47
CA ASP B 93 23.79 -41.59 -21.04
C ASP B 93 25.20 -41.21 -20.63
N ASN B 94 26.19 -41.79 -21.29
CA ASN B 94 27.57 -41.41 -21.00
C ASN B 94 27.84 -39.97 -21.41
N ALA B 95 27.35 -39.56 -22.58
CA ALA B 95 27.52 -38.17 -23.01
C ALA B 95 26.97 -37.22 -21.97
N SER B 96 25.89 -37.60 -21.28
CA SER B 96 25.38 -36.75 -20.20
C SER B 96 26.33 -36.77 -19.01
N TYR B 97 26.90 -37.94 -18.70
CA TYR B 97 27.83 -38.06 -17.59
C TYR B 97 29.00 -37.11 -17.75
N ASN B 98 29.59 -37.08 -18.95
CA ASN B 98 30.61 -36.08 -19.24
C ASN B 98 30.08 -34.69 -18.93
N ALA B 99 28.97 -34.31 -19.57
CA ALA B 99 28.43 -32.97 -19.38
C ALA B 99 28.36 -32.59 -17.90
N ARG B 100 28.02 -33.55 -17.04
CA ARG B 100 28.10 -33.30 -15.62
C ARG B 100 29.54 -33.10 -15.17
N LYS B 101 30.42 -34.04 -15.52
CA LYS B 101 31.84 -33.94 -15.18
C LYS B 101 32.44 -32.61 -15.62
N LEU B 102 31.99 -32.07 -16.76
CA LEU B 102 32.48 -30.79 -17.26
C LEU B 102 31.77 -29.61 -16.61
N GLY B 103 30.93 -29.85 -15.62
CA GLY B 103 30.23 -28.77 -14.96
C GLY B 103 28.94 -28.32 -15.60
N LEU B 104 28.45 -29.01 -16.63
CA LEU B 104 27.16 -28.72 -17.21
C LEU B 104 26.07 -29.56 -16.54
N ALA B 105 24.82 -29.13 -16.69
CA ALA B 105 23.69 -29.75 -16.01
C ALA B 105 22.57 -30.06 -17.00
N PRO B 106 22.64 -31.21 -17.67
CA PRO B 106 21.60 -31.58 -18.63
C PRO B 106 20.35 -32.10 -17.93
N SER B 107 19.24 -32.00 -18.65
CA SER B 107 17.96 -32.53 -18.20
C SER B 107 17.43 -33.50 -19.24
N SER B 108 16.24 -34.05 -18.98
CA SER B 108 15.64 -34.95 -19.95
C SER B 108 15.27 -34.23 -21.24
N ILE B 109 14.89 -32.95 -21.15
CA ILE B 109 14.60 -32.16 -22.34
C ILE B 109 15.78 -32.22 -23.31
N ASP B 110 16.98 -31.86 -22.84
CA ASP B 110 18.16 -31.87 -23.70
C ASP B 110 18.45 -33.28 -24.20
N GLU B 111 18.32 -34.26 -23.32
CA GLU B 111 18.51 -35.66 -23.72
C GLU B 111 17.53 -36.06 -24.81
N LYS B 112 16.36 -35.42 -24.86
CA LYS B 112 15.37 -35.75 -25.87
C LYS B 112 15.58 -34.96 -27.16
N LYS B 113 15.97 -33.69 -27.06
CA LYS B 113 16.32 -32.90 -28.25
C LYS B 113 17.39 -33.59 -29.10
N ILE B 114 18.44 -34.10 -28.45
CA ILE B 114 19.51 -34.77 -29.19
C ILE B 114 19.16 -36.21 -29.54
N LYS B 115 18.15 -36.81 -28.90
CA LYS B 115 17.63 -38.09 -29.39
C LYS B 115 16.95 -37.91 -30.73
N GLU B 116 16.07 -36.90 -30.84
CA GLU B 116 15.39 -36.60 -32.09
C GLU B 116 16.38 -36.38 -33.22
N LEU B 117 17.46 -35.65 -32.96
CA LEU B 117 18.41 -35.35 -34.03
C LEU B 117 19.18 -36.58 -34.46
N TYR B 118 19.92 -37.22 -33.55
CA TYR B 118 20.97 -38.17 -33.94
C TYR B 118 20.84 -39.56 -33.36
N GLY B 119 19.67 -39.93 -32.85
CA GLY B 119 19.54 -41.25 -32.28
C GLY B 119 20.14 -41.31 -30.87
N ASP B 120 20.57 -42.51 -30.49
CA ASP B 120 21.11 -42.73 -29.15
C ASP B 120 22.64 -42.82 -29.11
N ASN B 121 23.31 -42.84 -30.26
CA ASN B 121 24.76 -42.85 -30.33
C ASN B 121 25.24 -41.68 -31.18
N LEU B 122 26.09 -40.85 -30.61
CA LEU B 122 26.54 -39.62 -31.25
C LEU B 122 28.01 -39.75 -31.67
N THR B 123 28.33 -39.24 -32.86
CA THR B 123 29.72 -39.05 -33.23
C THR B 123 30.29 -37.85 -32.46
N TYR B 124 31.59 -37.64 -32.60
CA TYR B 124 32.24 -36.58 -31.83
C TYR B 124 31.54 -35.25 -32.03
N GLU B 125 31.24 -34.90 -33.28
CA GLU B 125 30.71 -33.56 -33.58
C GLU B 125 29.35 -33.34 -32.94
N GLN B 126 28.51 -34.38 -32.95
CA GLN B 126 27.19 -34.27 -32.34
C GLN B 126 27.30 -34.16 -30.82
N TYR B 127 28.14 -35.00 -30.22
CA TYR B 127 28.48 -34.89 -28.80
C TYR B 127 28.86 -33.47 -28.43
N LEU B 128 29.68 -32.82 -29.25
CA LEU B 128 30.00 -31.42 -29.03
C LEU B 128 28.75 -30.55 -29.14
N GLU B 129 28.02 -30.69 -30.26
CA GLU B 129 26.76 -29.98 -30.40
C GLU B 129 25.85 -30.23 -29.20
N TYR B 130 25.87 -31.46 -28.68
CA TYR B 130 25.10 -31.78 -27.49
C TYR B 130 25.59 -30.98 -26.28
N LEU B 131 26.90 -31.00 -26.02
CA LEU B 131 27.44 -30.22 -24.91
C LEU B 131 27.08 -28.75 -25.03
N SER B 132 26.91 -28.25 -26.27
CA SER B 132 26.42 -26.88 -26.44
C SER B 132 25.02 -26.73 -25.86
N ILE B 133 24.11 -27.67 -26.18
CA ILE B 133 22.73 -27.62 -25.68
C ILE B 133 22.69 -27.53 -24.17
N CYS B 134 23.66 -28.15 -23.49
CA CYS B 134 23.65 -28.32 -22.04
C CYS B 134 24.25 -27.15 -21.28
N VAL B 135 24.63 -26.05 -21.96
CA VAL B 135 25.27 -24.95 -21.23
C VAL B 135 24.25 -24.24 -20.34
N HIS B 136 23.12 -23.83 -20.92
CA HIS B 136 22.04 -23.19 -20.15
C HIS B 136 22.60 -22.02 -19.34
N ASP B 137 22.95 -20.94 -20.04
CA ASP B 137 23.51 -19.82 -19.32
C ASP B 137 22.44 -19.05 -18.57
N LYS B 138 21.18 -19.09 -19.02
CA LYS B 138 20.11 -18.43 -18.28
C LYS B 138 19.94 -18.97 -16.85
N ASP B 139 20.67 -20.01 -16.45
CA ASP B 139 20.56 -20.58 -15.11
C ASP B 139 21.09 -19.59 -14.09
N ASN B 140 20.22 -19.07 -13.23
CA ASN B 140 20.61 -18.27 -12.07
C ASN B 140 19.70 -18.65 -10.90
N VAL B 141 20.01 -18.09 -9.72
CA VAL B 141 19.19 -18.36 -8.55
C VAL B 141 17.74 -17.96 -8.80
N GLU B 142 17.53 -16.83 -9.49
CA GLU B 142 16.17 -16.36 -9.73
C GLU B 142 15.35 -17.38 -10.50
N GLU B 143 15.96 -18.05 -11.48
CA GLU B 143 15.22 -19.00 -12.30
C GLU B 143 14.98 -20.31 -11.55
N LEU B 144 15.97 -20.79 -10.79
CA LEU B 144 15.86 -22.11 -10.18
C LEU B 144 14.83 -22.17 -9.05
N ILE B 145 14.70 -21.12 -8.25
CA ILE B 145 13.85 -21.16 -7.05
C ILE B 145 12.36 -21.07 -7.34
N LYS B 146 11.96 -21.05 -8.61
CA LYS B 146 10.59 -20.70 -8.94
C LYS B 146 9.59 -21.65 -8.30
N MET B 147 9.86 -22.96 -8.34
CA MET B 147 8.89 -23.91 -7.79
C MET B 147 8.88 -23.90 -6.26
N PHE B 148 10.05 -23.72 -5.65
CA PHE B 148 10.06 -23.61 -4.20
C PHE B 148 9.32 -22.36 -3.75
N ALA B 149 9.49 -21.25 -4.50
CA ALA B 149 8.81 -20.00 -4.17
C ALA B 149 7.30 -20.17 -4.26
N HIS B 150 6.85 -20.95 -5.24
CA HIS B 150 5.42 -21.21 -5.41
C HIS B 150 4.77 -21.85 -4.19
N PHE B 151 5.53 -22.59 -3.39
CA PHE B 151 4.94 -23.28 -2.25
C PHE B 151 5.27 -22.59 -0.93
N ASP B 152 5.83 -21.38 -0.98
CA ASP B 152 6.28 -20.62 0.17
C ASP B 152 5.25 -19.53 0.38
N ASN B 153 4.15 -19.87 1.08
CA ASN B 153 2.96 -19.02 1.00
C ASN B 153 3.12 -17.74 1.83
N ASN B 154 3.73 -17.81 3.03
CA ASN B 154 3.98 -16.60 3.80
C ASN B 154 5.26 -15.86 3.37
N CYS B 155 5.86 -16.27 2.24
CA CYS B 155 7.14 -15.74 1.75
C CYS B 155 8.16 -15.57 2.87
N THR B 156 8.57 -16.69 3.45
CA THR B 156 9.62 -16.59 4.45
C THR B 156 11.00 -16.72 3.84
N GLY B 157 11.10 -17.27 2.63
CA GLY B 157 12.36 -17.70 2.06
C GLY B 157 12.75 -19.12 2.45
N TYR B 158 11.98 -19.78 3.30
CA TYR B 158 12.28 -21.12 3.78
C TYR B 158 11.21 -22.11 3.37
N LEU B 159 11.62 -23.38 3.24
CA LEU B 159 10.72 -24.53 3.16
C LEU B 159 11.33 -25.61 4.04
N THR B 160 10.48 -26.49 4.58
CA THR B 160 10.99 -27.64 5.34
C THR B 160 11.68 -28.62 4.40
N LYS B 161 12.51 -29.48 4.99
CA LYS B 161 13.13 -30.52 4.17
C LYS B 161 12.08 -31.38 3.49
N SER B 162 10.99 -31.70 4.21
CA SER B 162 9.97 -32.58 3.64
C SER B 162 9.26 -31.92 2.48
N GLN B 163 8.95 -30.63 2.60
CA GLN B 163 8.36 -29.92 1.47
C GLN B 163 9.26 -30.03 0.24
N MET B 164 10.55 -29.76 0.41
CA MET B 164 11.43 -29.82 -0.75
C MET B 164 11.70 -31.25 -1.20
N LYS B 165 11.67 -32.21 -0.26
CA LYS B 165 11.74 -33.61 -0.66
C LYS B 165 10.56 -33.97 -1.56
N ASN B 166 9.34 -33.53 -1.21
CA ASN B 166 8.20 -33.95 -2.00
C ASN B 166 8.22 -33.31 -3.38
N ILE B 167 8.73 -32.08 -3.48
CA ILE B 167 8.81 -31.41 -4.78
C ILE B 167 9.79 -32.13 -5.68
N LEU B 168 10.95 -32.48 -5.14
CA LEU B 168 12.02 -33.04 -5.95
C LEU B 168 11.73 -34.46 -6.39
N THR B 169 10.86 -35.17 -5.65
CA THR B 169 10.59 -36.58 -5.91
C THR B 169 9.24 -36.80 -6.57
N THR B 170 8.46 -35.76 -6.82
CA THR B 170 7.14 -35.91 -7.42
C THR B 170 7.08 -35.49 -8.88
N TRP B 171 7.49 -34.26 -9.20
CA TRP B 171 7.36 -33.69 -10.54
C TRP B 171 8.72 -33.57 -11.21
N GLY B 172 8.70 -33.34 -12.52
CA GLY B 172 9.93 -33.09 -13.23
C GLY B 172 10.74 -34.36 -13.48
N ASP B 173 12.06 -34.21 -13.55
CA ASP B 173 12.96 -35.37 -13.64
C ASP B 173 13.20 -35.92 -12.24
N ALA B 174 12.13 -36.44 -11.65
CA ALA B 174 12.07 -36.69 -10.21
C ALA B 174 13.30 -37.45 -9.72
N LEU B 175 13.82 -37.04 -8.57
CA LEU B 175 14.84 -37.85 -7.92
C LEU B 175 14.20 -38.96 -7.11
N THR B 176 15.02 -39.93 -6.73
CA THR B 176 14.57 -40.89 -5.73
C THR B 176 14.52 -40.22 -4.37
N ASP B 177 13.85 -40.85 -3.41
CA ASP B 177 13.80 -40.28 -2.07
C ASP B 177 15.19 -40.19 -1.48
N GLN B 178 15.98 -41.25 -1.60
CA GLN B 178 17.34 -41.22 -1.07
C GLN B 178 18.14 -40.08 -1.69
N GLU B 179 18.03 -39.87 -3.01
CA GLU B 179 18.78 -38.80 -3.67
C GLU B 179 18.37 -37.44 -3.13
N ALA B 180 17.07 -37.23 -2.92
CA ALA B 180 16.58 -35.95 -2.43
C ALA B 180 16.99 -35.73 -0.99
N ILE B 181 16.75 -36.72 -0.13
CA ILE B 181 17.17 -36.61 1.27
C ILE B 181 18.65 -36.29 1.35
N ASP B 182 19.47 -37.06 0.62
CA ASP B 182 20.92 -36.85 0.66
C ASP B 182 21.27 -35.44 0.24
N ALA B 183 20.63 -34.93 -0.81
CA ALA B 183 20.99 -33.61 -1.30
C ALA B 183 20.58 -32.52 -0.33
N LEU B 184 19.48 -32.73 0.41
CA LEU B 184 19.05 -31.74 1.39
C LEU B 184 19.87 -31.84 2.67
N ASN B 185 20.13 -33.07 3.15
CA ASN B 185 20.93 -33.26 4.34
C ASN B 185 22.38 -32.88 4.15
N ALA B 186 22.88 -32.90 2.92
CA ALA B 186 24.21 -32.39 2.64
C ALA B 186 24.24 -30.86 2.68
N PHE B 187 23.11 -30.19 2.53
CA PHE B 187 23.11 -28.73 2.52
C PHE B 187 22.89 -28.12 3.89
N SER B 188 22.14 -28.77 4.76
CA SER B 188 21.88 -28.21 6.07
C SER B 188 21.50 -29.35 7.00
N SER B 189 21.93 -29.24 8.26
CA SER B 189 21.38 -30.13 9.27
C SER B 189 20.07 -29.61 9.83
N GLU B 190 19.61 -28.45 9.39
CA GLU B 190 18.37 -27.83 9.87
C GLU B 190 17.18 -28.27 9.03
N ASP B 191 16.03 -28.46 9.69
CA ASP B 191 14.83 -28.90 8.99
C ASP B 191 14.27 -27.81 8.06
N ASN B 192 14.49 -26.52 8.34
CA ASN B 192 14.06 -25.45 7.44
C ASN B 192 15.22 -24.97 6.59
N ILE B 193 14.99 -24.85 5.28
CA ILE B 193 16.08 -24.63 4.33
C ILE B 193 15.81 -23.34 3.58
N ASP B 194 16.83 -22.48 3.52
CA ASP B 194 16.82 -21.26 2.72
C ASP B 194 17.01 -21.68 1.26
N TYR B 195 15.90 -21.79 0.52
CA TYR B 195 15.99 -22.33 -0.84
C TYR B 195 16.70 -21.40 -1.82
N LYS B 196 16.72 -20.09 -1.57
CA LYS B 196 17.60 -19.24 -2.36
C LYS B 196 19.05 -19.68 -2.18
N LEU B 197 19.43 -20.05 -0.97
CA LEU B 197 20.80 -20.48 -0.75
C LEU B 197 21.02 -21.91 -1.17
N PHE B 198 19.99 -22.76 -1.06
CA PHE B 198 20.13 -24.12 -1.55
C PHE B 198 20.36 -24.14 -3.04
N CYS B 199 19.62 -23.30 -3.78
CA CYS B 199 19.80 -23.23 -5.22
C CYS B 199 21.15 -22.62 -5.59
N GLU B 200 21.58 -21.57 -4.89
CA GLU B 200 22.89 -21.01 -5.16
C GLU B 200 23.99 -22.04 -4.92
N ASP B 201 23.86 -22.84 -3.87
CA ASP B 201 24.87 -23.85 -3.60
C ASP B 201 25.01 -24.81 -4.78
N ILE B 202 23.90 -25.39 -5.25
CA ILE B 202 23.96 -26.39 -6.33
C ILE B 202 24.38 -25.80 -7.66
N LEU B 203 24.27 -24.48 -7.84
CA LEU B 203 24.55 -23.82 -9.10
C LEU B 203 26.04 -23.62 -9.35
N GLN B 204 26.88 -23.96 -8.38
CA GLN B 204 28.31 -23.72 -8.50
C GLN B 204 29.05 -25.07 -8.57
N ALA C 2 -7.25 -54.54 -11.99
CA ALA C 2 -6.59 -54.00 -10.80
C ALA C 2 -5.76 -52.75 -11.18
N SER C 3 -5.98 -51.63 -10.47
CA SER C 3 -5.53 -50.29 -10.91
C SER C 3 -4.98 -49.46 -9.75
N ASP C 4 -3.68 -49.20 -9.76
CA ASP C 4 -3.02 -48.50 -8.66
C ASP C 4 -3.21 -46.99 -8.77
N MET C 5 -3.81 -46.40 -7.74
CA MET C 5 -4.02 -44.97 -7.64
C MET C 5 -3.04 -44.29 -6.68
N GLU C 6 -2.08 -45.03 -6.11
CA GLU C 6 -1.29 -44.45 -5.02
C GLU C 6 -0.57 -43.19 -5.47
N GLU C 7 -0.01 -43.20 -6.69
CA GLU C 7 0.72 -42.03 -7.16
C GLU C 7 -0.19 -40.81 -7.24
N LYS C 8 -1.42 -41.00 -7.74
CA LYS C 8 -2.35 -39.88 -7.88
C LYS C 8 -2.79 -39.36 -6.51
N PHE C 9 -3.08 -40.27 -5.57
CA PHE C 9 -3.40 -39.86 -4.21
C PHE C 9 -2.27 -39.03 -3.62
N ARG C 10 -1.05 -39.57 -3.69
CA ARG C 10 0.10 -38.89 -3.13
C ARG C 10 0.30 -37.52 -3.77
N GLU C 11 0.20 -37.43 -5.09
CA GLU C 11 0.33 -36.13 -5.74
C GLU C 11 -0.73 -35.16 -5.27
N ALA C 12 -1.97 -35.64 -5.12
CA ALA C 12 -3.04 -34.73 -4.76
C ALA C 12 -2.85 -34.19 -3.34
N PHE C 13 -2.42 -35.06 -2.43
CA PHE C 13 -2.21 -34.65 -1.05
C PHE C 13 -1.27 -33.45 -0.98
N ILE C 14 -0.10 -33.58 -1.62
CA ILE C 14 0.87 -32.49 -1.54
C ILE C 14 0.40 -31.28 -2.33
N LEU C 15 -0.52 -31.46 -3.29
CA LEU C 15 -1.08 -30.31 -3.98
C LEU C 15 -1.93 -29.48 -3.02
N PHE C 16 -2.69 -30.16 -2.15
CA PHE C 16 -3.57 -29.47 -1.21
C PHE C 16 -2.90 -29.11 0.11
N SER C 17 -1.79 -29.74 0.45
CA SER C 17 -1.07 -29.45 1.69
C SER C 17 0.12 -28.51 1.47
N SER C 18 0.34 -28.05 0.23
CA SER C 18 1.53 -27.28 -0.12
C SER C 18 2.82 -28.04 0.23
N CYS C 19 2.86 -29.31 -0.17
CA CYS C 19 4.03 -30.19 -0.16
C CYS C 19 4.46 -30.61 1.23
N SER C 20 3.66 -30.33 2.24
CA SER C 20 3.93 -30.78 3.60
C SER C 20 3.37 -32.19 3.82
N ASP C 21 3.98 -32.96 4.73
CA ASP C 21 3.50 -34.32 5.00
C ASP C 21 2.25 -34.36 5.86
N HIS C 22 1.83 -33.23 6.42
CA HIS C 22 0.56 -33.15 7.13
C HIS C 22 -0.30 -32.13 6.42
N ILE C 23 -1.62 -32.27 6.62
CA ILE C 23 -2.59 -31.47 5.90
C ILE C 23 -3.62 -30.96 6.90
N GLU C 24 -4.08 -29.72 6.70
CA GLU C 24 -5.10 -29.17 7.57
C GLU C 24 -6.45 -29.84 7.27
N MET C 25 -7.33 -29.85 8.27
CA MET C 25 -8.62 -30.54 8.15
C MET C 25 -9.47 -29.97 7.00
N TYR C 26 -9.58 -28.64 6.91
CA TYR C 26 -10.34 -28.06 5.80
C TYR C 26 -9.73 -28.45 4.46
N LYS C 27 -8.41 -28.44 4.36
CA LYS C 27 -7.78 -28.85 3.10
C LYS C 27 -7.92 -30.35 2.87
N PHE C 28 -8.01 -31.15 3.94
CA PHE C 28 -8.28 -32.58 3.78
C PHE C 28 -9.66 -32.83 3.19
N PHE C 29 -10.68 -32.10 3.65
CA PHE C 29 -12.00 -32.24 3.06
C PHE C 29 -11.99 -31.94 1.57
N GLU C 30 -11.25 -30.90 1.16
CA GLU C 30 -11.15 -30.60 -0.27
C GLU C 30 -10.48 -31.76 -1.00
N LEU C 31 -9.37 -32.26 -0.44
CA LEU C 31 -8.64 -33.39 -0.99
C LEU C 31 -9.56 -34.57 -1.28
N MET C 32 -10.18 -35.12 -0.23
CA MET C 32 -11.05 -36.29 -0.45
C MET C 32 -12.23 -35.97 -1.35
N ASN C 33 -12.74 -34.73 -1.31
CA ASN C 33 -13.82 -34.37 -2.21
C ASN C 33 -13.36 -34.40 -3.65
N SER C 34 -12.07 -34.13 -3.90
CA SER C 34 -11.56 -34.04 -5.26
C SER C 34 -11.44 -35.42 -5.92
N PHE C 35 -11.50 -36.48 -5.12
CA PHE C 35 -11.60 -37.84 -5.62
C PHE C 35 -13.00 -38.40 -5.43
N GLY C 36 -13.98 -37.51 -5.28
CA GLY C 36 -15.37 -37.92 -5.09
C GLY C 36 -15.70 -38.55 -3.76
N ILE C 37 -14.84 -38.40 -2.73
CA ILE C 37 -15.14 -39.01 -1.43
C ILE C 37 -15.98 -38.04 -0.59
N ILE C 38 -16.96 -38.61 0.12
CA ILE C 38 -17.93 -37.85 0.89
C ILE C 38 -18.11 -38.53 2.25
N LEU C 39 -18.15 -37.72 3.32
CA LEU C 39 -18.27 -38.21 4.70
C LEU C 39 -19.47 -37.55 5.40
N THR C 40 -20.16 -38.31 6.26
CA THR C 40 -21.11 -37.68 7.18
C THR C 40 -20.34 -36.88 8.22
N ASN C 41 -21.06 -36.06 8.97
CA ASN C 41 -20.45 -35.40 10.11
C ASN C 41 -19.90 -36.41 11.11
N ASP C 42 -20.47 -37.61 11.14
CA ASP C 42 -20.01 -38.62 12.10
C ASP C 42 -18.61 -39.11 11.74
N GLU C 43 -18.45 -39.74 10.56
CA GLU C 43 -17.11 -40.17 10.16
C GLU C 43 -16.17 -38.98 10.12
N LYS C 44 -16.69 -37.80 9.80
CA LYS C 44 -15.90 -36.58 9.80
C LYS C 44 -15.30 -36.31 11.18
N ALA C 45 -16.15 -36.33 12.22
CA ALA C 45 -15.68 -36.01 13.55
C ALA C 45 -14.85 -37.12 14.16
N ALA C 46 -14.90 -38.32 13.58
CA ALA C 46 -14.04 -39.42 14.00
C ALA C 46 -12.68 -39.41 13.33
N LEU C 47 -12.42 -38.50 12.39
CA LEU C 47 -11.10 -38.44 11.78
C LEU C 47 -10.06 -38.07 12.83
N PRO C 48 -8.79 -38.39 12.59
CA PRO C 48 -7.72 -37.84 13.43
C PRO C 48 -7.71 -36.33 13.34
N ASN C 49 -7.00 -35.69 14.26
CA ASN C 49 -6.95 -34.25 14.17
C ASN C 49 -5.74 -33.76 13.39
N ASP C 50 -4.67 -34.56 13.33
CA ASP C 50 -3.46 -34.20 12.58
C ASP C 50 -3.27 -35.27 11.49
N ILE C 51 -3.96 -35.08 10.38
CA ILE C 51 -3.97 -36.08 9.32
C ILE C 51 -2.68 -35.96 8.52
N ASN C 52 -1.97 -37.09 8.36
CA ASN C 52 -0.71 -37.09 7.63
C ASN C 52 -0.88 -37.87 6.32
N MET C 53 0.21 -37.97 5.55
CA MET C 53 0.12 -38.60 4.23
C MET C 53 -0.34 -40.05 4.35
N ASP C 54 0.40 -40.86 5.10
CA ASP C 54 0.06 -42.29 5.22
C ASP C 54 -1.40 -42.50 5.60
N TYR C 55 -1.93 -41.66 6.50
CA TYR C 55 -3.35 -41.78 6.86
C TYR C 55 -4.22 -41.57 5.64
N TRP C 56 -3.90 -40.57 4.82
CA TRP C 56 -4.68 -40.27 3.63
C TRP C 56 -4.67 -41.44 2.67
N LEU C 57 -3.47 -41.99 2.39
CA LEU C 57 -3.36 -43.10 1.45
C LEU C 57 -4.22 -44.28 1.88
N ASN C 58 -4.28 -44.57 3.18
CA ASN C 58 -5.16 -45.65 3.66
C ASN C 58 -6.62 -45.29 3.50
N PHE C 59 -6.97 -44.09 3.93
CA PHE C 59 -8.34 -43.62 3.82
C PHE C 59 -8.81 -43.64 2.36
N ALA C 60 -7.99 -43.12 1.46
CA ALA C 60 -8.33 -43.10 0.03
C ALA C 60 -8.55 -44.50 -0.51
N LYS C 61 -7.62 -45.42 -0.22
CA LYS C 61 -7.82 -46.82 -0.58
C LYS C 61 -9.18 -47.36 -0.14
N LYS C 62 -9.63 -47.01 1.06
CA LYS C 62 -10.89 -47.57 1.56
C LYS C 62 -12.11 -46.87 0.98
N HIS C 63 -12.03 -45.58 0.70
CA HIS C 63 -13.23 -44.82 0.34
C HIS C 63 -13.35 -44.50 -1.14
N TYR C 64 -12.24 -44.52 -1.90
CA TYR C 64 -12.30 -44.16 -3.31
C TYR C 64 -13.15 -45.16 -4.07
N ASN C 65 -14.06 -44.65 -4.89
CA ASN C 65 -14.96 -45.46 -5.70
C ASN C 65 -14.29 -45.75 -7.04
N TYR C 66 -13.60 -46.89 -7.11
CA TYR C 66 -12.82 -47.21 -8.31
C TYR C 66 -13.71 -47.36 -9.53
N GLU C 67 -14.90 -47.95 -9.37
CA GLU C 67 -15.80 -48.20 -10.50
C GLU C 67 -16.54 -46.94 -10.93
N GLN C 68 -16.72 -45.99 -10.02
CA GLN C 68 -17.53 -44.80 -10.32
C GLN C 68 -17.04 -43.66 -9.45
N PRO C 69 -15.87 -43.07 -9.79
CA PRO C 69 -15.27 -42.07 -8.91
C PRO C 69 -16.18 -40.89 -8.61
N PHE C 70 -16.95 -40.43 -9.58
CA PHE C 70 -17.81 -39.29 -9.35
C PHE C 70 -19.27 -39.73 -9.25
N LYS C 71 -19.49 -40.81 -8.49
CA LYS C 71 -20.83 -41.30 -8.25
C LYS C 71 -21.73 -40.19 -7.77
N HIS C 72 -21.20 -39.30 -6.93
CA HIS C 72 -21.96 -38.23 -6.30
C HIS C 72 -22.23 -37.04 -7.22
N ILE C 73 -21.74 -37.08 -8.46
CA ILE C 73 -22.21 -36.12 -9.45
C ILE C 73 -23.35 -36.71 -10.25
N ASN C 74 -23.20 -37.97 -10.65
CA ASN C 74 -24.29 -38.74 -11.26
C ASN C 74 -24.03 -40.22 -11.03
N ASN C 75 -25.05 -40.93 -10.57
CA ASN C 75 -24.99 -42.37 -10.34
C ASN C 75 -25.69 -43.10 -11.49
N VAL C 76 -25.09 -44.20 -11.96
CA VAL C 76 -25.69 -45.00 -13.01
C VAL C 76 -26.48 -46.14 -12.38
N ASN C 77 -26.88 -45.96 -11.13
CA ASN C 77 -27.83 -46.83 -10.46
C ASN C 77 -29.09 -46.01 -10.14
N VAL C 83 -31.96 -35.98 -14.80
CA VAL C 83 -30.50 -36.08 -14.85
C VAL C 83 -29.88 -34.84 -15.54
N GLN C 84 -30.73 -34.00 -16.17
CA GLN C 84 -30.30 -32.84 -16.94
C GLN C 84 -30.89 -31.55 -16.38
N ILE C 85 -30.06 -30.51 -16.26
CA ILE C 85 -30.40 -29.27 -15.56
C ILE C 85 -30.08 -28.08 -16.46
N LYS C 86 -30.95 -27.06 -16.44
CA LYS C 86 -30.69 -25.84 -17.19
C LYS C 86 -29.37 -25.20 -16.76
N ILE C 87 -28.73 -24.48 -17.68
CA ILE C 87 -27.42 -23.90 -17.39
C ILE C 87 -27.54 -22.86 -16.29
N ASP C 88 -28.45 -21.91 -16.44
CA ASP C 88 -28.48 -20.81 -15.50
C ASP C 88 -28.92 -21.28 -14.13
N ASN C 89 -29.72 -22.34 -14.07
CA ASN C 89 -30.02 -22.99 -12.81
C ASN C 89 -28.74 -23.55 -12.18
N PHE C 90 -27.95 -24.28 -12.99
CA PHE C 90 -26.70 -24.86 -12.51
C PHE C 90 -25.74 -23.79 -12.01
N LEU C 91 -25.54 -22.73 -12.79
CA LEU C 91 -24.66 -21.66 -12.37
C LEU C 91 -25.16 -21.00 -11.10
N GLY C 92 -26.48 -20.87 -10.96
CA GLY C 92 -27.01 -20.28 -9.75
C GLY C 92 -26.73 -21.15 -8.54
N ILE C 93 -26.99 -22.45 -8.67
CA ILE C 93 -26.76 -23.39 -7.56
C ILE C 93 -25.30 -23.34 -7.13
N MET C 94 -24.38 -23.34 -8.10
CA MET C 94 -22.97 -23.22 -7.75
C MET C 94 -22.75 -21.99 -6.91
N LYS C 95 -23.20 -20.83 -7.39
CA LYS C 95 -22.95 -19.58 -6.69
C LYS C 95 -23.68 -19.55 -5.34
N ALA C 96 -24.87 -20.13 -5.29
CA ALA C 96 -25.62 -20.19 -4.04
C ALA C 96 -24.81 -20.88 -2.94
N LEU C 97 -24.13 -21.97 -3.29
CA LEU C 97 -23.38 -22.76 -2.31
C LEU C 97 -21.97 -22.24 -2.10
N ASP C 98 -21.72 -20.96 -2.43
CA ASP C 98 -20.46 -20.27 -2.11
C ASP C 98 -19.26 -20.96 -2.75
N THR C 99 -19.42 -21.37 -4.00
CA THR C 99 -18.32 -22.02 -4.69
C THR C 99 -17.13 -21.06 -4.81
N ARG C 100 -15.94 -21.59 -4.56
CA ARG C 100 -14.69 -20.84 -4.75
C ARG C 100 -14.24 -20.80 -6.20
N LEU C 101 -15.05 -21.26 -7.15
CA LEU C 101 -14.68 -21.18 -8.56
C LEU C 101 -14.94 -19.78 -9.10
N THR C 102 -13.98 -19.25 -9.85
CA THR C 102 -14.16 -17.99 -10.54
C THR C 102 -15.06 -18.17 -11.76
N GLU C 103 -15.52 -17.04 -12.28
CA GLU C 103 -16.40 -17.10 -13.46
C GLU C 103 -15.69 -17.77 -14.64
N SER C 104 -14.37 -17.61 -14.74
CA SER C 104 -13.63 -18.27 -15.82
C SER C 104 -13.70 -19.79 -15.66
N ASP C 105 -13.28 -20.30 -14.50
CA ASP C 105 -13.33 -21.74 -14.21
C ASP C 105 -14.65 -22.36 -14.64
N LEU C 106 -15.74 -21.67 -14.36
CA LEU C 106 -17.08 -22.19 -14.67
C LEU C 106 -17.33 -22.19 -16.18
N ASN C 107 -16.89 -21.13 -16.88
CA ASN C 107 -17.06 -21.09 -18.33
C ASN C 107 -16.25 -22.18 -19.01
N ILE C 108 -15.02 -22.42 -18.53
CA ILE C 108 -14.18 -23.48 -19.08
C ILE C 108 -14.82 -24.85 -18.85
N LEU C 109 -15.35 -25.08 -17.65
CA LEU C 109 -16.05 -26.32 -17.38
C LEU C 109 -17.26 -26.48 -18.29
N LEU C 110 -17.87 -25.36 -18.68
CA LEU C 110 -19.11 -25.39 -19.46
C LEU C 110 -18.85 -25.64 -20.95
N GLN C 111 -17.83 -24.97 -21.52
CA GLN C 111 -17.36 -25.30 -22.86
C GLN C 111 -17.02 -26.79 -22.97
N ILE C 112 -16.30 -27.31 -21.98
CA ILE C 112 -15.89 -28.72 -21.99
C ILE C 112 -17.10 -29.64 -21.96
N THR C 113 -17.93 -29.48 -20.93
CA THR C 113 -19.02 -30.42 -20.67
C THR C 113 -20.23 -30.18 -21.59
N ASN C 114 -20.52 -28.93 -21.95
CA ASN C 114 -21.62 -28.57 -22.85
C ASN C 114 -21.05 -27.87 -24.08
N PRO C 115 -20.42 -28.62 -25.00
CA PRO C 115 -19.84 -27.96 -26.20
C PRO C 115 -20.85 -27.19 -27.02
N GLU C 116 -21.97 -27.83 -27.39
CA GLU C 116 -22.94 -27.25 -28.33
C GLU C 116 -23.71 -26.06 -27.77
N ASN C 117 -23.39 -25.63 -26.55
CA ASN C 117 -24.12 -24.54 -25.88
C ASN C 117 -25.62 -24.83 -25.84
N LYS C 118 -25.98 -26.10 -25.61
CA LYS C 118 -27.36 -26.43 -25.29
C LYS C 118 -27.74 -25.78 -23.96
N SER C 119 -29.02 -25.47 -23.81
CA SER C 119 -29.51 -24.83 -22.58
C SER C 119 -29.64 -25.81 -21.43
N THR C 120 -29.36 -27.09 -21.65
CA THR C 120 -29.34 -28.12 -20.63
C THR C 120 -27.91 -28.66 -20.47
N LEU C 121 -27.62 -29.17 -19.28
CA LEU C 121 -26.34 -29.82 -18.98
C LEU C 121 -26.60 -31.22 -18.44
N ASN C 122 -25.88 -32.20 -18.97
CA ASN C 122 -25.96 -33.58 -18.49
C ASN C 122 -24.97 -33.78 -17.37
N LEU C 123 -25.45 -34.20 -16.20
CA LEU C 123 -24.54 -34.41 -15.08
C LEU C 123 -23.76 -35.72 -15.25
N LYS C 124 -24.32 -36.68 -15.99
CA LYS C 124 -23.54 -37.83 -16.44
C LYS C 124 -22.34 -37.37 -17.25
N THR C 125 -22.55 -36.38 -18.13
CA THR C 125 -21.44 -35.83 -18.90
C THR C 125 -20.37 -35.25 -17.99
N VAL C 126 -20.78 -34.43 -17.02
CA VAL C 126 -19.82 -33.84 -16.08
C VAL C 126 -19.05 -34.92 -15.33
N SER C 127 -19.74 -35.95 -14.83
CA SER C 127 -19.01 -37.01 -14.15
C SER C 127 -18.05 -37.72 -15.10
N GLN C 128 -18.42 -37.86 -16.38
CA GLN C 128 -17.50 -38.46 -17.35
C GLN C 128 -16.24 -37.63 -17.50
N LYS C 129 -16.38 -36.36 -17.92
CA LYS C 129 -15.22 -35.56 -18.24
C LYS C 129 -14.29 -35.39 -17.05
N LEU C 130 -14.85 -35.29 -15.84
CA LEU C 130 -14.03 -35.20 -14.64
C LEU C 130 -13.26 -36.48 -14.41
N THR C 131 -13.93 -37.64 -14.56
CA THR C 131 -13.25 -38.94 -14.50
C THR C 131 -12.10 -39.02 -15.50
N GLU C 132 -12.22 -38.34 -16.63
CA GLU C 132 -11.15 -38.34 -17.63
C GLU C 132 -9.94 -37.56 -17.13
N SER C 133 -10.17 -36.48 -16.38
CA SER C 133 -9.10 -35.59 -15.93
C SER C 133 -8.51 -36.02 -14.60
N ILE C 134 -8.42 -37.32 -14.31
CA ILE C 134 -8.00 -37.75 -12.98
C ILE C 134 -6.55 -38.25 -13.00
#